data_6PT6
#
_entry.id   6PT6
#
_cell.length_a   57.728
_cell.length_b   102.211
_cell.length_c   170.745
_cell.angle_alpha   90.000
_cell.angle_beta   90.000
_cell.angle_gamma   90.000
#
_symmetry.space_group_name_H-M   'P 21 21 21'
#
loop_
_entity.id
_entity.type
_entity.pdbx_description
1 polymer 'exo-2S-iota carrageenan S1 sulfatase'
2 branched 3,6-anhydro-2-O-sulfo-alpha-D-galactopyranose-(1-3)-4-O-sulfo-beta-D-galactopyranose
3 non-polymer 'CALCIUM ION'
4 water water
#
_entity_poly.entity_id   1
_entity_poly.type   'polypeptide(L)'
_entity_poly.pdbx_seq_one_letter_code
;MGSSHHHHHHSSGLVPRGSHMASIKKPNVLILLFDDMRFDTFSYRNGPVSTPNIDALANEGTRFDQAMTSTGLSSPSRAA
MFTGRWGHKTGLDDNVGLYHSRLSELSLSEGSVIKRATSIGYDVSYVGKWHLGAQGPALRGANFMWGHDKDEERNGRPFT
PYQTQKNVARMNAGERDKNGEKHDYYKTLPGTYADTVTAKEVNEGKLMLQNAAKSDKPFFGIVSFEQPHPPYRVPEPYAS
MYDYKDIKLPKNFGIKRKHKPMAQDDIWWPWHDVSHMSETDWRKAHSFYYGAIAMIDHAVGELINTAKEEGLYDDLHIIL
VGDQGSMLGEHNLYDKGPYAYDELMRMPLIIRDPSLEPKIINRQVSMLDIAPTLRQWMTLPLDGDEDGRSLLPLMKQGDS
ADAGKDDISLYAYEWYNGGWFGIRAIRTPEMKFVWNPGDSRDELYDLKNDPYEITNQIDNPKYKKQLTDLVHKMAGELNR
IDDPSLTKFNHHMKAFL
;
_entity_poly.pdbx_strand_id   B,A
#
# COMPACT_ATOMS: atom_id res chain seq x y z
N LYS A 26 37.67 25.56 1.54
CA LYS A 26 36.63 24.58 1.12
C LYS A 26 37.28 23.20 1.05
N PRO A 27 36.95 22.29 1.98
CA PRO A 27 37.60 20.99 2.03
C PRO A 27 37.09 20.01 0.95
N ASN A 28 37.97 19.10 0.53
CA ASN A 28 37.59 17.99 -0.38
C ASN A 28 36.79 16.99 0.45
N VAL A 29 35.72 16.43 -0.14
CA VAL A 29 34.79 15.48 0.53
C VAL A 29 34.62 14.25 -0.35
N LEU A 30 34.77 13.06 0.22
CA LEU A 30 34.52 11.75 -0.41
C LEU A 30 33.52 11.00 0.45
N ILE A 31 32.41 10.62 -0.16
CA ILE A 31 31.37 9.77 0.49
C ILE A 31 31.39 8.39 -0.16
N LEU A 32 31.58 7.37 0.67
CA LEU A 32 31.53 5.95 0.32
C LEU A 32 30.22 5.41 0.92
N LEU A 33 29.24 5.20 0.05
CA LEU A 33 27.85 4.88 0.41
C LEU A 33 27.56 3.46 -0.09
N PHE A 34 27.19 2.56 0.80
CA PHE A 34 26.94 1.13 0.52
C PHE A 34 25.45 0.82 0.69
N ASP A 35 24.96 -0.20 -0.02
CA ASP A 35 23.51 -0.52 -0.13
C ASP A 35 23.23 -1.75 0.73
N ASP A 36 22.50 -1.55 1.82
CA ASP A 36 22.07 -2.61 2.77
C ASP A 36 23.27 -3.14 3.58
N MET A 37 24.28 -2.31 3.86
CA MET A 37 25.44 -2.74 4.68
C MET A 37 25.11 -2.56 6.16
N ARG A 38 25.12 -3.65 6.93
CA ARG A 38 24.78 -3.64 8.36
C ARG A 38 25.85 -2.94 9.18
N PHE A 39 25.53 -2.67 10.43
CA PHE A 39 26.42 -1.98 11.38
C PHE A 39 27.47 -2.94 11.96
N ASP A 40 27.21 -4.25 11.97
CA ASP A 40 27.81 -5.19 12.98
C ASP A 40 28.81 -6.20 12.38
N THR A 41 29.07 -6.16 11.09
CA THR A 41 29.81 -7.24 10.40
C THR A 41 31.33 -7.05 10.55
N PHE A 42 31.78 -5.80 10.65
CA PHE A 42 33.20 -5.37 10.61
C PHE A 42 33.99 -5.86 11.83
N SER A 43 35.27 -6.16 11.62
CA SER A 43 36.16 -6.60 12.72
C SER A 43 36.32 -5.47 13.75
N TYR A 44 36.26 -4.17 13.39
CA TYR A 44 36.34 -3.04 14.37
C TYR A 44 35.12 -3.07 15.31
N ARG A 45 34.00 -3.71 14.91
CA ARG A 45 32.82 -3.90 15.82
C ARG A 45 32.84 -5.28 16.49
N ASN A 46 33.98 -5.99 16.42
CA ASN A 46 34.10 -7.37 16.97
C ASN A 46 33.17 -8.29 16.17
N GLY A 47 32.93 -7.97 14.91
CA GLY A 47 32.11 -8.74 13.96
C GLY A 47 32.91 -9.86 13.31
N PRO A 48 32.24 -10.79 12.59
CA PRO A 48 32.88 -12.03 12.13
C PRO A 48 33.74 -11.91 10.86
N VAL A 49 33.77 -10.74 10.23
CA VAL A 49 34.52 -10.51 8.97
C VAL A 49 35.73 -9.59 9.19
N SER A 50 36.87 -10.04 8.70
CA SER A 50 38.13 -9.27 8.80
C SER A 50 38.05 -8.11 7.80
N THR A 51 38.00 -6.86 8.27
CA THR A 51 37.84 -5.66 7.43
C THR A 51 38.95 -4.67 7.78
N PRO A 52 40.24 -4.97 7.47
CA PRO A 52 41.33 -4.09 7.87
C PRO A 52 41.28 -2.65 7.33
N ASN A 53 40.88 -2.44 6.08
CA ASN A 53 40.88 -1.08 5.48
C ASN A 53 39.76 -0.25 6.12
N ILE A 54 38.55 -0.82 6.31
CA ILE A 54 37.44 -0.09 6.98
C ILE A 54 37.80 0.12 8.45
N ASP A 55 38.42 -0.87 9.08
CA ASP A 55 38.91 -0.78 10.48
C ASP A 55 39.86 0.43 10.61
N ALA A 56 40.81 0.60 9.67
CA ALA A 56 41.83 1.67 9.73
C ALA A 56 41.15 3.03 9.57
N LEU A 57 40.19 3.17 8.65
CA LEU A 57 39.43 4.43 8.49
C LEU A 57 38.63 4.71 9.78
N ALA A 58 37.91 3.71 10.33
CA ALA A 58 37.21 3.80 11.64
C ALA A 58 38.14 4.39 12.72
N ASN A 59 39.39 3.91 12.77
CA ASN A 59 40.32 4.22 13.87
C ASN A 59 40.96 5.58 13.62
N GLU A 60 40.98 6.10 12.37
CA GLU A 60 41.53 7.45 12.02
C GLU A 60 40.45 8.51 12.23
N GLY A 61 39.17 8.12 12.16
CA GLY A 61 38.03 9.05 12.05
C GLY A 61 37.19 9.05 13.31
N THR A 62 35.96 9.51 13.21
CA THR A 62 34.96 9.44 14.29
C THR A 62 34.03 8.28 13.98
N ARG A 63 34.05 7.27 14.84
CA ARG A 63 33.10 6.12 14.82
C ARG A 63 31.78 6.57 15.47
N PHE A 64 30.70 6.49 14.71
CA PHE A 64 29.31 6.61 15.17
C PHE A 64 28.77 5.20 15.30
N ASP A 65 28.97 4.60 16.47
CA ASP A 65 28.70 3.18 16.73
C ASP A 65 27.20 2.99 16.96
N GLN A 66 26.45 4.07 17.09
CA GLN A 66 24.99 4.00 17.36
C GLN A 66 24.25 4.88 16.36
N ALA A 67 24.75 4.90 15.13
CA ALA A 67 24.08 5.58 14.00
C ALA A 67 22.82 4.76 13.63
N MET A 68 21.73 5.46 13.34
CA MET A 68 20.43 4.89 12.88
C MET A 68 20.08 5.51 11.52
N THR A 69 19.61 4.73 10.55
CA THR A 69 19.04 5.27 9.29
C THR A 69 17.68 5.91 9.61
N SER A 70 17.13 6.60 8.63
CA SER A 70 15.81 7.28 8.73
C SER A 70 14.70 6.27 8.45
N THR A 71 14.98 5.33 7.54
CA THR A 71 14.04 4.32 7.02
C THR A 71 14.86 3.14 6.48
N GLY A 72 14.44 1.89 6.76
CA GLY A 72 15.04 0.67 6.20
C GLY A 72 14.63 0.46 4.76
N LEU A 73 14.79 1.48 3.92
CA LEU A 73 14.46 1.39 2.47
C LEU A 73 15.29 2.45 1.75
N SER A 74 15.63 2.17 0.51
CA SER A 74 16.73 2.84 -0.22
C SER A 74 16.35 4.31 -0.52
N SER A 75 15.37 4.59 -1.37
CA SER A 75 15.14 5.95 -1.90
C SER A 75 14.86 6.88 -0.71
N PRO A 76 13.93 6.54 0.22
CA PRO A 76 13.70 7.42 1.37
C PRO A 76 14.97 7.73 2.17
N SER A 77 15.81 6.71 2.41
CA SER A 77 17.05 6.84 3.19
C SER A 77 18.01 7.77 2.46
N ARG A 78 18.05 7.67 1.14
CA ARG A 78 18.98 8.49 0.32
C ARG A 78 18.49 9.94 0.18
N ALA A 79 17.18 10.15 0.02
CA ALA A 79 16.58 11.50 -0.06
C ALA A 79 16.88 12.18 1.28
N ALA A 80 16.68 11.49 2.38
CA ALA A 80 16.95 12.04 3.72
C ALA A 80 18.42 12.42 3.79
N MET A 81 19.29 11.50 3.37
CA MET A 81 20.74 11.70 3.49
C MET A 81 21.11 12.98 2.74
N PHE A 82 20.68 13.13 1.50
CA PHE A 82 21.25 14.15 0.59
C PHE A 82 20.48 15.49 0.70
N THR A 83 19.29 15.52 1.27
CA THR A 83 18.53 16.80 1.40
C THR A 83 18.60 17.34 2.83
N GLY A 84 18.67 16.44 3.82
CA GLY A 84 18.64 16.80 5.26
C GLY A 84 17.21 17.01 5.76
N ARG A 85 16.20 16.54 5.03
CA ARG A 85 14.80 16.70 5.42
C ARG A 85 14.08 15.34 5.35
N TRP A 86 13.08 15.16 6.21
CA TRP A 86 12.23 13.94 6.19
C TRP A 86 11.39 13.89 4.90
N GLY A 87 10.99 12.68 4.51
CA GLY A 87 10.10 12.41 3.36
C GLY A 87 8.80 13.22 3.31
N HIS A 88 8.21 13.57 4.44
CA HIS A 88 6.92 14.33 4.43
C HIS A 88 7.20 15.73 3.91
N LYS A 89 8.44 16.22 4.01
CA LYS A 89 8.79 17.57 3.50
C LYS A 89 9.26 17.48 2.04
N THR A 90 10.03 16.46 1.64
CA THR A 90 10.55 16.37 0.26
C THR A 90 9.55 15.72 -0.70
N GLY A 91 8.58 14.97 -0.17
CA GLY A 91 7.65 14.14 -0.96
C GLY A 91 8.27 12.77 -1.27
N LEU A 92 9.54 12.48 -0.92
CA LEU A 92 10.24 11.24 -1.33
C LEU A 92 10.19 10.21 -0.17
N ASP A 93 9.08 9.49 -0.07
CA ASP A 93 8.72 8.78 1.18
C ASP A 93 8.52 7.29 0.85
N ASP A 94 8.93 6.87 -0.36
CA ASP A 94 8.87 5.47 -0.85
C ASP A 94 10.04 5.24 -1.82
N ASN A 95 10.39 3.99 -2.06
CA ASN A 95 11.32 3.66 -3.16
C ASN A 95 10.71 4.22 -4.46
N VAL A 96 11.55 4.53 -5.45
CA VAL A 96 11.06 5.00 -6.78
C VAL A 96 11.17 3.83 -7.77
N GLY A 97 10.23 3.77 -8.72
CA GLY A 97 10.35 2.93 -9.92
C GLY A 97 10.20 1.45 -9.65
N LEU A 98 9.41 1.06 -8.63
CA LEU A 98 9.17 -0.37 -8.31
C LEU A 98 7.68 -0.63 -8.10
N TYR A 99 7.21 -1.83 -8.47
CA TYR A 99 5.86 -2.33 -8.12
C TYR A 99 5.77 -2.22 -6.60
N HIS A 100 4.75 -1.52 -6.04
CA HIS A 100 3.73 -0.75 -6.72
C HIS A 100 3.72 0.66 -6.15
N SER A 101 4.90 1.25 -5.94
CA SER A 101 5.14 2.65 -5.53
C SER A 101 4.48 3.63 -6.50
N ARG A 102 4.03 4.76 -5.99
CA ARG A 102 3.47 5.83 -6.82
C ARG A 102 4.60 6.70 -7.36
N LEU A 103 5.84 6.53 -6.91
CA LEU A 103 6.92 7.55 -7.15
C LEU A 103 7.84 7.11 -8.25
N SER A 104 8.39 8.09 -8.93
CA SER A 104 9.38 7.92 -10.03
C SER A 104 10.72 8.62 -9.71
N GLU A 105 10.71 9.82 -9.08
CA GLU A 105 11.93 10.62 -8.82
C GLU A 105 11.77 11.61 -7.66
N LEU A 106 12.87 11.90 -6.97
CA LEU A 106 13.02 13.11 -6.10
C LEU A 106 12.72 14.32 -6.98
N SER A 107 11.83 15.21 -6.54
CA SER A 107 11.51 16.46 -7.27
C SER A 107 12.81 17.22 -7.58
N LEU A 108 12.96 17.73 -8.81
CA LEU A 108 14.14 18.57 -9.20
C LEU A 108 14.09 19.91 -8.43
N SER A 109 13.02 20.20 -7.69
CA SER A 109 12.99 21.38 -6.78
C SER A 109 13.83 21.09 -5.51
N GLU A 110 14.19 19.82 -5.27
CA GLU A 110 15.14 19.43 -4.18
C GLU A 110 16.51 19.32 -4.83
N GLY A 111 17.29 20.41 -4.77
CA GLY A 111 18.63 20.44 -5.36
C GLY A 111 19.54 19.41 -4.74
N SER A 112 19.43 19.27 -3.41
CA SER A 112 20.20 18.39 -2.47
C SER A 112 21.56 18.99 -2.18
N VAL A 113 22.40 18.28 -1.44
CA VAL A 113 23.76 18.82 -1.14
C VAL A 113 24.51 18.91 -2.47
N ILE A 114 24.08 18.16 -3.48
CA ILE A 114 24.78 18.13 -4.81
C ILE A 114 24.68 19.52 -5.46
N LYS A 115 23.46 20.05 -5.61
CA LYS A 115 23.25 21.37 -6.26
C LYS A 115 23.86 22.43 -5.35
N ARG A 116 23.59 22.35 -4.05
CA ARG A 116 24.13 23.35 -3.09
C ARG A 116 25.68 23.40 -3.21
N ALA A 117 26.37 22.27 -3.23
CA ALA A 117 27.86 22.27 -3.36
C ALA A 117 28.27 22.85 -4.73
N THR A 118 27.55 22.50 -5.80
CA THR A 118 27.86 23.01 -7.17
C THR A 118 27.77 24.54 -7.16
N SER A 119 26.78 25.08 -6.46
CA SER A 119 26.48 26.53 -6.45
C SER A 119 27.64 27.34 -5.85
N ILE A 120 28.47 26.76 -5.01
CA ILE A 120 29.56 27.53 -4.35
C ILE A 120 30.93 27.06 -4.88
N GLY A 121 30.98 26.39 -6.03
CA GLY A 121 32.25 26.17 -6.77
C GLY A 121 32.83 24.77 -6.62
N TYR A 122 32.15 23.84 -5.92
CA TYR A 122 32.60 22.41 -5.90
C TYR A 122 32.36 21.79 -7.28
N ASP A 123 33.34 21.03 -7.75
CA ASP A 123 33.15 20.00 -8.79
C ASP A 123 32.59 18.77 -8.08
N VAL A 124 31.32 18.46 -8.35
CA VAL A 124 30.63 17.27 -7.80
C VAL A 124 30.67 16.15 -8.83
N SER A 125 31.06 14.97 -8.40
CA SER A 125 31.09 13.71 -9.21
C SER A 125 30.32 12.62 -8.47
N TYR A 126 29.63 11.77 -9.23
CA TYR A 126 28.80 10.66 -8.68
C TYR A 126 29.10 9.40 -9.47
N VAL A 127 29.35 8.32 -8.75
CA VAL A 127 29.53 6.97 -9.31
C VAL A 127 28.54 6.03 -8.65
N GLY A 128 27.85 5.21 -9.46
CA GLY A 128 27.04 4.08 -9.01
C GLY A 128 25.57 4.42 -8.80
N LYS A 129 24.94 3.72 -7.88
CA LYS A 129 23.46 3.72 -7.76
C LYS A 129 23.00 5.03 -7.11
N TRP A 130 22.08 5.75 -7.77
CA TRP A 130 21.44 6.99 -7.26
C TRP A 130 20.13 6.65 -6.54
N HIS A 131 19.25 5.94 -7.22
CA HIS A 131 17.89 5.51 -6.77
C HIS A 131 17.03 6.70 -6.31
N LEU A 132 17.21 7.89 -6.87
CA LEU A 132 16.29 9.06 -6.65
C LEU A 132 15.75 9.62 -7.97
N GLY A 133 15.75 8.83 -9.03
CA GLY A 133 15.22 9.21 -10.35
C GLY A 133 16.34 9.24 -11.37
N ALA A 134 16.08 8.72 -12.57
CA ALA A 134 16.99 8.72 -13.73
C ALA A 134 17.65 10.11 -13.92
N GLN A 135 18.95 10.10 -14.19
CA GLN A 135 19.78 11.30 -14.50
C GLN A 135 19.93 12.24 -13.31
N GLY A 136 19.41 11.90 -12.12
CA GLY A 136 19.25 12.84 -10.99
C GLY A 136 20.54 13.58 -10.61
N PRO A 137 21.69 12.92 -10.41
CA PRO A 137 22.91 13.65 -10.09
C PRO A 137 23.31 14.67 -11.16
N ALA A 138 23.17 14.32 -12.44
CA ALA A 138 23.54 15.18 -13.60
C ALA A 138 22.60 16.39 -13.64
N LEU A 139 21.31 16.17 -13.40
CA LEU A 139 20.29 17.25 -13.41
C LEU A 139 20.57 18.22 -12.29
N ARG A 140 21.31 17.82 -11.26
CA ARG A 140 21.59 18.72 -10.11
C ARG A 140 23.03 19.26 -10.20
N GLY A 141 23.72 19.05 -11.33
CA GLY A 141 25.01 19.72 -11.62
C GLY A 141 26.24 18.85 -11.40
N ALA A 142 26.11 17.59 -10.99
CA ALA A 142 27.26 16.67 -10.79
C ALA A 142 27.72 16.11 -12.14
N ASN A 143 28.98 15.71 -12.20
CA ASN A 143 29.53 14.79 -13.24
C ASN A 143 29.09 13.37 -12.86
N PHE A 144 28.02 12.85 -13.45
CA PHE A 144 27.54 11.46 -13.24
C PHE A 144 28.42 10.58 -14.14
N MET A 145 29.52 10.07 -13.62
CA MET A 145 30.56 9.37 -14.43
C MET A 145 29.99 8.06 -14.98
N TRP A 146 29.30 7.31 -14.12
CA TRP A 146 28.82 5.96 -14.45
C TRP A 146 27.84 5.49 -13.36
N GLY A 147 26.79 4.78 -13.80
CA GLY A 147 25.80 4.16 -12.91
C GLY A 147 24.51 3.78 -13.64
N HIS A 148 23.74 2.89 -13.03
CA HIS A 148 22.53 2.30 -13.63
C HIS A 148 21.61 3.43 -14.14
N ASP A 149 21.54 4.53 -13.41
CA ASP A 149 20.57 5.65 -13.51
C ASP A 149 21.04 6.74 -14.48
N LYS A 150 22.24 6.63 -15.03
CA LYS A 150 22.91 7.73 -15.76
C LYS A 150 22.13 8.11 -17.03
N ASP A 151 21.77 7.12 -17.84
CA ASP A 151 21.28 7.38 -19.22
C ASP A 151 19.84 6.88 -19.39
N GLU A 152 19.15 6.54 -18.30
CA GLU A 152 17.74 6.08 -18.35
C GLU A 152 16.79 7.24 -18.65
N GLU A 153 15.67 6.91 -19.28
CA GLU A 153 14.54 7.86 -19.48
C GLU A 153 13.85 8.06 -18.11
N ARG A 154 13.45 9.29 -17.81
CA ARG A 154 12.67 9.61 -16.61
C ARG A 154 11.27 9.02 -16.78
N ASN A 155 10.55 8.85 -15.68
CA ASN A 155 9.11 8.52 -15.68
C ASN A 155 8.86 7.15 -16.38
N GLY A 156 9.77 6.19 -16.25
CA GLY A 156 9.59 4.75 -16.56
C GLY A 156 8.49 4.05 -15.75
N ARG A 157 7.94 2.98 -16.32
CA ARG A 157 6.98 2.08 -15.67
C ARG A 157 7.72 1.45 -14.49
N PRO A 158 7.04 1.30 -13.34
CA PRO A 158 7.62 0.61 -12.19
C PRO A 158 8.10 -0.81 -12.53
N PHE A 159 9.31 -1.14 -12.08
CA PHE A 159 9.92 -2.47 -12.26
C PHE A 159 9.08 -3.46 -11.46
N THR A 160 8.36 -4.37 -12.14
CA THR A 160 7.43 -5.34 -11.53
C THR A 160 8.12 -6.70 -11.56
N PRO A 161 8.30 -7.37 -10.38
CA PRO A 161 9.25 -8.47 -10.27
C PRO A 161 8.71 -9.84 -10.73
N TYR A 162 8.28 -9.94 -11.99
CA TYR A 162 7.70 -11.17 -12.58
C TYR A 162 8.73 -12.31 -12.52
N GLN A 163 10.01 -12.03 -12.77
CA GLN A 163 11.09 -13.07 -12.79
C GLN A 163 11.35 -13.54 -11.36
N THR A 164 11.45 -12.62 -10.40
CA THR A 164 11.65 -13.03 -8.99
C THR A 164 10.44 -13.88 -8.57
N GLN A 165 9.22 -13.49 -8.92
CA GLN A 165 8.00 -14.28 -8.58
C GLN A 165 8.13 -15.73 -9.11
N LYS A 166 8.45 -15.91 -10.39
CA LYS A 166 8.62 -17.27 -11.02
C LYS A 166 9.73 -18.08 -10.30
N ASN A 167 10.88 -17.47 -10.01
CA ASN A 167 12.02 -18.13 -9.32
C ASN A 167 11.62 -18.59 -7.91
N VAL A 168 10.87 -17.77 -7.17
CA VAL A 168 10.47 -18.13 -5.77
C VAL A 168 9.42 -19.25 -5.83
N ALA A 169 8.54 -19.24 -6.82
CA ALA A 169 7.61 -20.39 -7.06
C ALA A 169 8.45 -21.67 -7.30
N ARG A 170 9.50 -21.61 -8.11
CA ARG A 170 10.40 -22.77 -8.30
C ARG A 170 10.98 -23.19 -6.93
N MET A 171 11.38 -22.26 -6.07
CA MET A 171 12.03 -22.67 -4.80
C MET A 171 10.97 -23.40 -3.94
N ASN A 172 9.70 -22.98 -4.01
CA ASN A 172 8.59 -23.50 -3.16
C ASN A 172 8.23 -24.92 -3.66
N ALA A 173 8.58 -25.22 -4.91
CA ALA A 173 8.29 -26.52 -5.55
C ALA A 173 9.47 -27.46 -5.33
N GLY A 174 10.50 -27.01 -4.59
CA GLY A 174 11.64 -27.85 -4.17
C GLY A 174 12.80 -27.82 -5.15
N GLU A 175 12.80 -26.89 -6.11
CA GLU A 175 13.92 -26.74 -7.06
C GLU A 175 15.01 -25.88 -6.42
N ARG A 176 16.24 -26.02 -6.94
CA ARG A 176 17.48 -25.26 -6.59
C ARG A 176 18.18 -24.84 -7.88
N ASP A 177 19.02 -23.80 -7.81
CA ASP A 177 19.76 -23.23 -8.96
C ASP A 177 21.14 -23.90 -8.95
N LYS A 178 22.10 -23.39 -9.71
CA LYS A 178 23.45 -24.03 -9.90
C LYS A 178 24.07 -24.34 -8.54
N ASN A 179 24.53 -25.58 -8.35
CA ASN A 179 25.39 -26.07 -7.23
C ASN A 179 24.61 -26.11 -5.92
N GLY A 180 23.29 -26.30 -6.00
CA GLY A 180 22.40 -26.29 -4.82
C GLY A 180 22.08 -24.89 -4.30
N GLU A 181 22.48 -23.83 -4.99
CA GLU A 181 22.27 -22.43 -4.50
C GLU A 181 20.83 -22.01 -4.76
N LYS A 182 20.46 -20.85 -4.21
CA LYS A 182 19.15 -20.17 -4.42
C LYS A 182 19.46 -18.72 -4.74
N HIS A 183 19.50 -18.42 -6.03
CA HIS A 183 19.98 -17.17 -6.67
C HIS A 183 19.12 -15.94 -6.31
N ASP A 184 17.96 -16.09 -5.68
CA ASP A 184 17.20 -14.96 -5.11
C ASP A 184 17.71 -14.60 -3.71
N TYR A 185 18.66 -15.36 -3.15
CA TYR A 185 19.20 -15.20 -1.77
C TYR A 185 20.74 -15.17 -1.77
N TYR A 186 21.39 -16.11 -2.45
CA TYR A 186 22.87 -16.21 -2.53
C TYR A 186 23.23 -16.84 -3.87
N LYS A 187 24.35 -16.40 -4.45
CA LYS A 187 24.80 -16.77 -5.82
C LYS A 187 26.32 -16.66 -5.94
N THR A 188 26.99 -17.73 -6.39
CA THR A 188 28.40 -17.69 -6.84
C THR A 188 28.39 -17.09 -8.24
N LEU A 189 29.08 -15.97 -8.45
CA LEU A 189 29.20 -15.34 -9.80
C LEU A 189 30.42 -15.93 -10.47
N PRO A 190 30.39 -16.09 -11.82
CA PRO A 190 31.58 -16.52 -12.55
C PRO A 190 32.66 -15.41 -12.54
N GLY A 191 33.88 -15.74 -12.97
CA GLY A 191 35.01 -14.79 -13.07
C GLY A 191 35.57 -14.40 -11.71
N THR A 192 36.06 -13.17 -11.62
CA THR A 192 36.92 -12.63 -10.54
C THR A 192 36.36 -11.30 -10.05
N TYR A 193 36.93 -10.77 -8.99
CA TYR A 193 36.73 -9.40 -8.47
C TYR A 193 36.79 -8.43 -9.64
N ALA A 194 37.74 -8.59 -10.58
CA ALA A 194 38.01 -7.59 -11.63
C ALA A 194 36.83 -7.47 -12.59
N ASP A 195 36.00 -8.52 -12.75
CA ASP A 195 34.81 -8.56 -13.66
C ASP A 195 33.54 -7.96 -12.98
N THR A 196 33.57 -7.69 -11.68
CA THR A 196 32.39 -7.30 -10.87
C THR A 196 32.06 -5.82 -11.05
N VAL A 197 30.79 -5.53 -10.78
CA VAL A 197 30.30 -4.13 -10.79
C VAL A 197 31.11 -3.34 -9.75
N THR A 198 31.39 -3.95 -8.60
CA THR A 198 32.20 -3.33 -7.53
C THR A 198 33.52 -2.86 -8.10
N ALA A 199 34.23 -3.69 -8.88
CA ALA A 199 35.55 -3.31 -9.45
C ALA A 199 35.37 -2.11 -10.37
N LYS A 200 34.25 -2.00 -11.07
CA LYS A 200 33.94 -0.84 -11.95
C LYS A 200 33.66 0.40 -11.10
N GLU A 201 32.92 0.26 -10.01
CA GLU A 201 32.61 1.40 -9.10
C GLU A 201 33.93 1.98 -8.58
N VAL A 202 34.84 1.10 -8.17
CA VAL A 202 36.24 1.43 -7.72
C VAL A 202 37.01 2.12 -8.84
N ASN A 203 37.09 1.52 -10.01
CA ASN A 203 37.83 2.10 -11.17
C ASN A 203 37.29 3.51 -11.43
N GLU A 204 35.97 3.75 -11.40
CA GLU A 204 35.42 5.11 -11.62
C GLU A 204 35.82 6.00 -10.43
N GLY A 205 35.79 5.46 -9.20
CA GLY A 205 36.25 6.21 -8.05
C GLY A 205 37.70 6.63 -8.26
N LYS A 206 38.53 5.71 -8.71
CA LYS A 206 39.98 5.94 -8.94
C LYS A 206 40.14 7.11 -9.93
N LEU A 207 39.38 7.08 -11.04
CA LEU A 207 39.49 8.11 -12.11
C LEU A 207 39.00 9.43 -11.53
N MET A 208 37.95 9.41 -10.71
CA MET A 208 37.41 10.63 -10.06
C MET A 208 38.52 11.28 -9.22
N LEU A 209 39.24 10.48 -8.42
CA LEU A 209 40.31 10.99 -7.53
C LEU A 209 41.47 11.52 -8.39
N GLN A 210 41.93 10.75 -9.38
CA GLN A 210 43.04 11.17 -10.30
C GLN A 210 42.67 12.52 -10.92
N ASN A 211 41.43 12.67 -11.40
CA ASN A 211 41.01 13.88 -12.14
C ASN A 211 40.96 15.05 -11.16
N ALA A 212 40.39 14.83 -9.98
CA ALA A 212 40.26 15.90 -8.94
C ALA A 212 41.67 16.44 -8.56
N ALA A 213 42.67 15.56 -8.43
CA ALA A 213 44.08 15.94 -8.10
C ALA A 213 44.68 16.87 -9.17
N LYS A 214 44.16 16.86 -10.39
CA LYS A 214 44.67 17.68 -11.52
C LYS A 214 44.00 19.06 -11.53
N SER A 215 43.01 19.32 -10.69
CA SER A 215 42.30 20.62 -10.57
C SER A 215 42.70 21.34 -9.27
N ASP A 216 42.74 22.69 -9.30
CA ASP A 216 42.86 23.56 -8.09
C ASP A 216 41.52 23.56 -7.33
N LYS A 217 40.43 23.18 -8.01
CA LYS A 217 39.02 23.36 -7.54
C LYS A 217 38.62 22.35 -6.47
N PRO A 218 37.90 22.78 -5.40
CA PRO A 218 37.39 21.88 -4.38
C PRO A 218 36.49 20.80 -4.96
N PHE A 219 36.61 19.60 -4.42
CA PHE A 219 36.02 18.36 -4.97
C PHE A 219 35.05 17.75 -3.95
N PHE A 220 33.89 17.31 -4.45
CA PHE A 220 32.84 16.57 -3.71
C PHE A 220 32.50 15.31 -4.50
N GLY A 221 33.06 14.16 -4.08
CA GLY A 221 32.93 12.86 -4.76
C GLY A 221 31.98 11.93 -4.00
N ILE A 222 31.03 11.30 -4.69
CA ILE A 222 30.15 10.27 -4.08
C ILE A 222 30.26 8.95 -4.86
N VAL A 223 30.72 7.89 -4.19
CA VAL A 223 30.73 6.50 -4.73
C VAL A 223 29.66 5.67 -4.00
N SER A 224 28.55 5.35 -4.69
CA SER A 224 27.39 4.59 -4.18
C SER A 224 27.46 3.15 -4.69
N PHE A 225 27.94 2.24 -3.86
CA PHE A 225 28.19 0.81 -4.22
C PHE A 225 26.89 0.00 -4.20
N GLU A 226 26.71 -0.87 -5.21
CA GLU A 226 25.57 -1.81 -5.27
C GLU A 226 25.71 -2.78 -4.08
N GLN A 227 26.93 -3.17 -3.72
CA GLN A 227 27.15 -4.11 -2.60
C GLN A 227 26.95 -3.36 -1.29
N PRO A 228 26.53 -4.13 -0.26
CA PRO A 228 26.15 -5.56 -0.41
C PRO A 228 24.67 -5.95 -0.54
N HIS A 229 23.92 -5.30 -1.44
CA HIS A 229 22.47 -5.54 -1.67
C HIS A 229 22.20 -7.00 -2.07
N PRO A 230 21.20 -7.67 -1.47
CA PRO A 230 20.86 -9.03 -1.87
C PRO A 230 20.32 -9.08 -3.29
N PRO A 231 20.29 -10.25 -3.95
CA PRO A 231 20.80 -11.50 -3.39
C PRO A 231 22.31 -11.35 -3.18
N TYR A 232 22.88 -12.06 -2.21
CA TYR A 232 24.31 -11.94 -1.83
C TYR A 232 25.11 -12.69 -2.91
N ARG A 233 25.71 -11.91 -3.82
CA ARG A 233 26.33 -12.39 -5.08
C ARG A 233 27.78 -11.89 -5.13
N VAL A 234 28.72 -12.82 -5.10
CA VAL A 234 30.19 -12.50 -5.13
C VAL A 234 30.86 -13.59 -5.96
N PRO A 235 31.95 -13.26 -6.68
CA PRO A 235 32.75 -14.29 -7.33
C PRO A 235 33.65 -15.00 -6.30
N GLU A 236 34.35 -16.04 -6.74
CA GLU A 236 35.38 -16.71 -5.89
C GLU A 236 36.51 -15.70 -5.80
N PRO A 237 37.34 -15.66 -4.73
CA PRO A 237 37.20 -16.56 -3.58
C PRO A 237 36.24 -16.05 -2.49
N TYR A 238 35.67 -14.86 -2.66
CA TYR A 238 34.72 -14.25 -1.67
C TYR A 238 33.53 -15.20 -1.42
N ALA A 239 33.12 -15.96 -2.44
CA ALA A 239 31.91 -16.83 -2.37
C ALA A 239 32.08 -17.96 -1.34
N SER A 240 33.30 -18.45 -1.15
CA SER A 240 33.61 -19.61 -0.27
C SER A 240 34.56 -19.23 0.86
N MET A 241 34.94 -17.97 0.97
CA MET A 241 35.85 -17.46 2.02
C MET A 241 35.38 -17.90 3.43
N TYR A 242 34.10 -17.70 3.74
CA TYR A 242 33.48 -18.06 5.04
C TYR A 242 32.64 -19.33 4.82
N ASP A 243 32.91 -20.36 5.63
CA ASP A 243 32.26 -21.68 5.54
C ASP A 243 30.86 -21.55 6.18
N TYR A 244 29.80 -21.73 5.41
CA TYR A 244 28.40 -21.68 5.91
C TYR A 244 28.28 -22.48 7.21
N LYS A 245 29.02 -23.59 7.36
CA LYS A 245 28.82 -24.55 8.48
C LYS A 245 29.29 -23.89 9.79
N ASP A 246 30.19 -22.89 9.72
CA ASP A 246 30.81 -22.23 10.91
C ASP A 246 30.09 -20.94 11.29
N ILE A 247 29.07 -20.50 10.56
CA ILE A 247 28.37 -19.24 10.90
C ILE A 247 27.78 -19.37 12.32
N LYS A 248 27.97 -18.37 13.18
CA LYS A 248 27.26 -18.21 14.49
C LYS A 248 25.91 -17.53 14.22
N LEU A 249 24.80 -18.24 14.41
CA LEU A 249 23.46 -17.65 14.19
C LEU A 249 23.03 -16.97 15.48
N PRO A 250 22.51 -15.73 15.38
CA PRO A 250 22.11 -14.99 16.57
C PRO A 250 20.85 -15.55 17.22
N LYS A 251 20.54 -15.09 18.42
CA LYS A 251 19.47 -15.62 19.29
C LYS A 251 18.08 -15.43 18.63
N ASN A 252 17.87 -14.39 17.81
CA ASN A 252 16.53 -14.13 17.16
C ASN A 252 16.49 -14.84 15.79
N PHE A 253 17.54 -15.55 15.38
CA PHE A 253 17.51 -16.32 14.10
C PHE A 253 16.42 -17.41 14.16
N GLY A 254 15.62 -17.54 13.10
CA GLY A 254 14.81 -18.73 12.84
C GLY A 254 13.50 -18.77 13.61
N ILE A 255 13.24 -17.81 14.51
CA ILE A 255 12.10 -17.90 15.46
C ILE A 255 10.75 -17.62 14.77
N LYS A 256 9.70 -18.17 15.39
CA LYS A 256 8.29 -17.74 15.20
C LYS A 256 8.15 -16.35 15.84
N ARG A 257 7.74 -15.36 15.02
CA ARG A 257 7.26 -14.02 15.44
C ARG A 257 6.01 -14.22 16.31
N LYS A 258 6.10 -13.82 17.58
CA LYS A 258 5.02 -13.92 18.58
C LYS A 258 4.50 -12.49 18.85
N HIS A 259 3.20 -12.29 18.68
CA HIS A 259 2.54 -10.98 18.97
C HIS A 259 3.28 -9.85 18.26
N LYS A 260 3.65 -10.06 17.00
CA LYS A 260 4.27 -9.03 16.13
C LYS A 260 3.23 -8.53 15.15
N PRO A 261 3.35 -7.27 14.67
CA PRO A 261 2.37 -6.72 13.74
C PRO A 261 2.23 -7.55 12.45
N MET A 262 1.06 -7.45 11.79
CA MET A 262 0.76 -8.23 10.56
C MET A 262 1.74 -7.88 9.43
N ALA A 263 2.19 -6.64 9.30
CA ALA A 263 3.01 -6.28 8.15
C ALA A 263 4.29 -7.15 8.13
N GLN A 264 4.69 -7.81 9.21
CA GLN A 264 5.97 -8.58 9.23
C GLN A 264 5.75 -9.95 8.57
N ASP A 265 4.49 -10.35 8.45
CA ASP A 265 4.08 -11.69 7.93
C ASP A 265 3.89 -11.66 6.40
N ASP A 266 3.54 -10.51 5.81
CA ASP A 266 3.03 -10.49 4.41
C ASP A 266 4.18 -10.51 3.39
N ILE A 267 3.94 -11.14 2.26
CA ILE A 267 5.00 -11.37 1.24
C ILE A 267 5.04 -10.13 0.33
N TRP A 268 5.63 -9.02 0.81
CA TRP A 268 5.54 -7.73 0.09
C TRP A 268 6.28 -7.85 -1.24
N TRP A 269 7.52 -8.34 -1.16
CA TRP A 269 8.39 -8.66 -2.32
C TRP A 269 8.43 -10.18 -2.44
N PRO A 270 8.42 -10.77 -3.65
CA PRO A 270 8.24 -12.22 -3.79
C PRO A 270 9.23 -13.04 -2.97
N TRP A 271 10.47 -12.56 -2.78
CA TRP A 271 11.53 -13.33 -2.07
C TRP A 271 11.32 -13.29 -0.56
N HIS A 272 10.35 -12.52 -0.05
CA HIS A 272 10.01 -12.46 1.39
C HIS A 272 9.29 -13.75 1.79
N ASP A 273 8.91 -14.60 0.85
CA ASP A 273 8.45 -15.96 1.22
C ASP A 273 9.72 -16.79 1.44
N VAL A 274 10.03 -17.06 2.70
CA VAL A 274 11.22 -17.87 3.11
C VAL A 274 10.76 -19.20 3.69
N SER A 275 9.48 -19.56 3.52
CA SER A 275 8.87 -20.85 3.95
C SER A 275 9.74 -22.03 3.43
N HIS A 276 10.42 -21.84 2.30
CA HIS A 276 11.24 -22.88 1.62
C HIS A 276 12.68 -22.91 2.12
N MET A 277 13.11 -21.95 2.95
CA MET A 277 14.55 -21.79 3.31
C MET A 277 14.93 -22.79 4.41
N SER A 278 15.99 -23.59 4.18
CA SER A 278 16.62 -24.50 5.16
C SER A 278 17.60 -23.69 6.00
N GLU A 279 18.04 -24.25 7.14
CA GLU A 279 19.08 -23.62 7.98
C GLU A 279 20.33 -23.42 7.10
N THR A 280 20.64 -24.38 6.24
CA THR A 280 21.76 -24.33 5.28
C THR A 280 21.59 -23.14 4.33
N ASP A 281 20.37 -22.88 3.85
CA ASP A 281 20.12 -21.70 2.97
C ASP A 281 20.42 -20.43 3.76
N TRP A 282 19.99 -20.36 5.01
CA TRP A 282 20.17 -19.15 5.86
C TRP A 282 21.64 -18.95 6.14
N ARG A 283 22.39 -20.02 6.39
CA ARG A 283 23.83 -19.96 6.71
C ARG A 283 24.56 -19.43 5.49
N LYS A 284 24.14 -19.86 4.31
CA LYS A 284 24.76 -19.42 3.04
C LYS A 284 24.42 -17.95 2.80
N ALA A 285 23.21 -17.51 3.14
CA ALA A 285 22.88 -16.07 3.08
C ALA A 285 23.93 -15.34 3.92
N HIS A 286 24.18 -15.81 5.13
CA HIS A 286 25.20 -15.21 6.01
C HIS A 286 26.58 -15.25 5.31
N SER A 287 26.96 -16.44 4.86
CA SER A 287 28.35 -16.71 4.44
C SER A 287 28.65 -15.87 3.18
N PHE A 288 27.68 -15.76 2.28
CA PHE A 288 27.84 -14.97 1.01
C PHE A 288 27.80 -13.47 1.37
N TYR A 289 26.93 -13.06 2.30
CA TYR A 289 26.94 -11.67 2.80
C TYR A 289 28.35 -11.39 3.31
N TYR A 290 28.93 -12.29 4.12
CA TYR A 290 30.26 -12.07 4.76
C TYR A 290 31.27 -11.89 3.64
N GLY A 291 31.13 -12.69 2.58
CA GLY A 291 31.98 -12.62 1.40
C GLY A 291 31.90 -11.23 0.79
N ALA A 292 30.69 -10.67 0.71
CA ALA A 292 30.46 -9.35 0.07
C ALA A 292 31.14 -8.29 0.91
N ILE A 293 31.03 -8.39 2.23
CA ILE A 293 31.66 -7.41 3.14
C ILE A 293 33.19 -7.50 2.95
N ALA A 294 33.77 -8.69 2.87
CA ALA A 294 35.23 -8.84 2.66
C ALA A 294 35.55 -8.21 1.31
N MET A 295 34.71 -8.40 0.28
CA MET A 295 34.99 -7.80 -1.04
C MET A 295 34.85 -6.27 -0.95
N ILE A 296 33.92 -5.77 -0.17
CA ILE A 296 33.81 -4.30 0.05
C ILE A 296 35.10 -3.79 0.71
N ASP A 297 35.62 -4.50 1.71
CA ASP A 297 36.83 -4.02 2.42
C ASP A 297 37.98 -3.85 1.41
N HIS A 298 38.16 -4.81 0.50
CA HIS A 298 39.22 -4.69 -0.54
C HIS A 298 38.93 -3.44 -1.37
N ALA A 299 37.70 -3.23 -1.82
CA ALA A 299 37.31 -2.04 -2.62
C ALA A 299 37.66 -0.75 -1.88
N VAL A 300 37.36 -0.67 -0.58
CA VAL A 300 37.65 0.54 0.22
C VAL A 300 39.15 0.75 0.23
N GLY A 301 39.92 -0.30 0.45
CA GLY A 301 41.39 -0.26 0.41
C GLY A 301 41.88 0.35 -0.90
N GLU A 302 41.33 -0.10 -2.01
CA GLU A 302 41.79 0.34 -3.35
C GLU A 302 41.61 1.85 -3.47
N LEU A 303 40.47 2.39 -3.05
CA LEU A 303 40.12 3.83 -3.22
C LEU A 303 40.94 4.68 -2.27
N ILE A 304 41.08 4.23 -1.02
CA ILE A 304 41.93 4.92 0.00
C ILE A 304 43.34 4.96 -0.59
N ASN A 305 43.87 3.87 -1.13
CA ASN A 305 45.30 3.81 -1.57
C ASN A 305 45.49 4.78 -2.74
N THR A 306 44.55 4.83 -3.69
CA THR A 306 44.58 5.80 -4.82
C THR A 306 44.57 7.22 -4.25
N ALA A 307 43.70 7.52 -3.30
CA ALA A 307 43.65 8.86 -2.67
C ALA A 307 45.01 9.25 -2.05
N LYS A 308 45.71 8.29 -1.42
CA LYS A 308 47.08 8.47 -0.86
C LYS A 308 48.08 8.73 -2.00
N GLU A 309 48.07 7.90 -3.05
CA GLU A 309 49.00 8.03 -4.20
C GLU A 309 48.80 9.42 -4.84
N GLU A 310 47.59 9.98 -4.84
CA GLU A 310 47.25 11.27 -5.49
C GLU A 310 47.47 12.49 -4.56
N GLY A 311 47.96 12.27 -3.34
CA GLY A 311 48.22 13.38 -2.40
C GLY A 311 46.93 14.05 -1.94
N LEU A 312 45.81 13.31 -1.95
CA LEU A 312 44.47 13.83 -1.54
C LEU A 312 44.09 13.34 -0.14
N TYR A 313 44.60 12.18 0.30
CA TYR A 313 44.14 11.48 1.53
C TYR A 313 44.34 12.40 2.74
N ASP A 314 45.49 13.05 2.89
CA ASP A 314 45.86 13.75 4.15
C ASP A 314 44.82 14.81 4.53
N ASP A 315 44.18 15.45 3.56
CA ASP A 315 43.22 16.55 3.79
C ASP A 315 41.79 16.12 3.45
N LEU A 316 41.60 14.84 3.10
CA LEU A 316 40.28 14.34 2.64
C LEU A 316 39.30 14.21 3.82
N HIS A 317 38.14 14.85 3.68
CA HIS A 317 36.99 14.70 4.61
C HIS A 317 36.10 13.54 4.12
N ILE A 318 35.99 12.44 4.89
CA ILE A 318 35.36 11.16 4.44
C ILE A 318 34.15 10.77 5.30
N ILE A 319 33.10 10.30 4.64
CA ILE A 319 31.92 9.64 5.27
C ILE A 319 31.83 8.25 4.63
N LEU A 320 31.84 7.22 5.46
CA LEU A 320 31.50 5.85 5.07
C LEU A 320 30.22 5.51 5.82
N VAL A 321 29.21 5.11 5.07
CA VAL A 321 27.84 4.88 5.59
C VAL A 321 27.15 3.85 4.71
N GLY A 322 26.29 3.04 5.34
CA GLY A 322 25.32 2.16 4.68
C GLY A 322 23.92 2.75 4.81
N ASP A 323 23.12 2.65 3.75
CA ASP A 323 21.82 3.38 3.68
C ASP A 323 20.87 2.76 4.71
N GLN A 324 21.05 1.47 4.98
CA GLN A 324 20.37 0.71 6.07
C GLN A 324 21.02 -0.68 6.16
N GLY A 325 20.55 -1.49 7.11
CA GLY A 325 21.00 -2.88 7.30
C GLY A 325 20.28 -3.86 6.37
N SER A 326 20.24 -5.11 6.77
CA SER A 326 19.66 -6.23 5.99
C SER A 326 19.40 -7.36 6.99
N MET A 327 18.30 -8.06 6.80
CA MET A 327 17.89 -9.16 7.67
C MET A 327 18.45 -10.45 7.07
N LEU A 328 19.15 -11.24 7.89
CA LEU A 328 19.71 -12.59 7.58
C LEU A 328 18.97 -13.69 8.37
N GLY A 329 17.67 -13.51 8.63
CA GLY A 329 16.79 -14.53 9.22
C GLY A 329 16.48 -14.27 10.68
N GLU A 330 16.93 -13.13 11.19
CA GLU A 330 16.44 -12.60 12.49
C GLU A 330 14.92 -12.42 12.35
N HIS A 331 14.15 -12.90 13.31
CA HIS A 331 12.66 -12.92 13.28
C HIS A 331 12.18 -13.63 12.01
N ASN A 332 12.99 -14.53 11.46
CA ASN A 332 12.65 -15.27 10.22
C ASN A 332 12.42 -14.28 9.07
N LEU A 333 13.12 -13.14 9.06
CA LEU A 333 12.99 -12.16 7.95
C LEU A 333 14.25 -12.17 7.09
N TYR A 334 14.05 -11.89 5.80
CA TYR A 334 15.13 -11.78 4.78
C TYR A 334 15.09 -10.35 4.21
N ASP A 335 16.27 -9.79 3.86
CA ASP A 335 16.37 -8.47 3.17
C ASP A 335 15.88 -7.35 4.09
N LYS A 336 14.69 -6.82 3.83
CA LYS A 336 14.07 -5.68 4.56
C LYS A 336 12.59 -5.60 4.21
N GLY A 337 11.85 -4.87 5.04
CA GLY A 337 10.39 -4.66 4.90
C GLY A 337 9.93 -3.60 5.89
N PRO A 338 8.63 -3.29 6.00
CA PRO A 338 8.17 -2.22 6.89
C PRO A 338 8.15 -2.67 8.36
N TYR A 339 9.31 -2.55 9.00
CA TYR A 339 9.61 -2.88 10.42
C TYR A 339 10.81 -2.05 10.89
N ALA A 340 11.19 -2.14 12.17
CA ALA A 340 12.17 -1.22 12.80
C ALA A 340 13.26 -1.96 13.58
N TYR A 341 13.39 -3.28 13.42
CA TYR A 341 14.37 -4.12 14.16
C TYR A 341 15.77 -3.54 13.94
N ASP A 342 16.63 -3.67 14.94
CA ASP A 342 17.97 -3.06 14.99
C ASP A 342 18.81 -3.47 13.77
N GLU A 343 18.71 -4.72 13.31
CA GLU A 343 19.58 -5.26 12.25
C GLU A 343 19.32 -4.49 10.94
N LEU A 344 18.10 -3.94 10.75
CA LEU A 344 17.77 -3.05 9.59
C LEU A 344 17.96 -1.56 9.96
N MET A 345 17.48 -1.12 11.12
CA MET A 345 17.45 0.33 11.50
C MET A 345 18.87 0.85 11.73
N ARG A 346 19.74 0.05 12.31
CA ARG A 346 21.11 0.50 12.62
C ARG A 346 21.94 0.53 11.35
N MET A 347 22.83 1.53 11.25
CA MET A 347 23.69 1.67 10.08
C MET A 347 25.12 1.91 10.53
N PRO A 348 26.08 1.46 9.70
CA PRO A 348 27.49 1.73 9.96
C PRO A 348 27.68 3.19 9.58
N LEU A 349 28.46 3.93 10.37
CA LEU A 349 28.82 5.34 10.05
C LEU A 349 30.19 5.68 10.62
N ILE A 350 31.03 6.17 9.73
CA ILE A 350 32.37 6.68 10.05
C ILE A 350 32.45 8.01 9.35
N ILE A 351 32.82 9.05 10.08
CA ILE A 351 33.09 10.39 9.53
C ILE A 351 34.50 10.80 9.99
N ARG A 352 35.37 10.96 9.00
CA ARG A 352 36.77 11.32 9.24
C ARG A 352 37.01 12.76 8.83
N ASP A 353 37.32 13.57 9.82
CA ASP A 353 37.78 14.96 9.68
C ASP A 353 39.27 14.93 10.03
N PRO A 354 40.16 15.26 9.07
CA PRO A 354 41.59 15.15 9.28
C PRO A 354 42.14 16.09 10.35
N SER A 355 41.39 17.12 10.73
CA SER A 355 41.86 18.09 11.75
C SER A 355 41.58 17.54 13.15
N LEU A 356 40.87 16.41 13.30
CA LEU A 356 40.38 15.97 14.64
C LEU A 356 40.99 14.63 15.06
N GLU A 357 41.21 14.46 16.37
CA GLU A 357 41.60 13.18 17.00
C GLU A 357 40.44 12.20 16.97
N PRO A 358 40.69 10.90 16.74
CA PRO A 358 39.65 9.88 16.69
C PRO A 358 38.85 9.81 17.99
N LYS A 359 37.56 9.55 17.86
CA LYS A 359 36.66 9.31 19.01
C LYS A 359 35.60 8.30 18.57
N ILE A 360 34.97 7.72 19.56
CA ILE A 360 33.89 6.71 19.48
C ILE A 360 32.70 7.38 20.10
N ILE A 361 31.69 7.66 19.26
CA ILE A 361 30.40 8.27 19.71
C ILE A 361 29.40 7.14 19.99
N ASN A 362 29.01 6.96 21.25
CA ASN A 362 27.98 5.98 21.66
C ASN A 362 26.59 6.63 21.74
N ARG A 363 26.52 7.96 21.61
CA ARG A 363 25.20 8.62 21.56
C ARG A 363 24.59 8.33 20.19
N GLN A 364 23.29 8.09 20.14
CA GLN A 364 22.55 7.81 18.89
C GLN A 364 22.63 9.02 17.97
N VAL A 365 22.88 8.78 16.68
CA VAL A 365 22.81 9.81 15.60
C VAL A 365 21.94 9.25 14.47
N SER A 366 21.59 10.10 13.49
CA SER A 366 20.58 9.85 12.44
C SER A 366 21.15 10.13 11.05
N MET A 367 20.62 9.45 10.04
CA MET A 367 20.86 9.79 8.61
C MET A 367 20.51 11.27 8.37
N LEU A 368 19.60 11.85 9.16
CA LEU A 368 19.20 13.27 8.96
C LEU A 368 20.35 14.18 9.37
N ASP A 369 21.41 13.63 9.99
CA ASP A 369 22.55 14.41 10.53
C ASP A 369 23.66 14.52 9.47
N ILE A 370 23.56 13.80 8.36
CA ILE A 370 24.65 13.77 7.35
C ILE A 370 24.69 15.13 6.68
N ALA A 371 23.56 15.60 6.17
CA ALA A 371 23.53 16.82 5.32
C ALA A 371 24.05 18.04 6.12
N PRO A 372 23.59 18.25 7.36
CA PRO A 372 24.10 19.32 8.20
C PRO A 372 25.63 19.23 8.43
N THR A 373 26.14 18.01 8.61
CA THR A 373 27.61 17.73 8.71
C THR A 373 28.26 18.19 7.41
N LEU A 374 27.68 17.85 6.26
CA LEU A 374 28.22 18.30 4.97
C LEU A 374 28.14 19.83 4.89
N ARG A 375 27.02 20.40 5.33
CA ARG A 375 26.80 21.86 5.32
C ARG A 375 27.90 22.56 6.14
N GLN A 376 28.26 22.06 7.33
CA GLN A 376 29.22 22.77 8.22
C GLN A 376 30.63 22.61 7.64
N TRP A 377 30.96 21.46 7.05
CA TRP A 377 32.29 21.22 6.45
C TRP A 377 32.53 22.19 5.28
N MET A 378 31.51 22.32 4.42
CA MET A 378 31.64 22.86 3.05
C MET A 378 31.12 24.32 3.00
N THR A 379 30.48 24.80 4.05
CA THR A 379 29.72 26.08 4.08
C THR A 379 28.69 26.11 2.94
N LEU A 380 27.86 25.09 2.82
CA LEU A 380 26.74 25.06 1.84
C LEU A 380 25.71 26.12 2.23
N PRO A 381 25.08 26.78 1.25
CA PRO A 381 23.96 27.70 1.53
C PRO A 381 22.76 26.94 2.13
N LEU A 382 21.95 27.56 3.00
CA LEU A 382 20.69 26.93 3.48
C LEU A 382 19.73 26.80 2.26
N ASP A 383 18.99 25.68 2.13
CA ASP A 383 17.94 25.44 1.10
C ASP A 383 16.64 25.07 1.80
N GLY A 384 16.48 25.50 3.05
CA GLY A 384 15.30 25.23 3.91
C GLY A 384 15.71 24.49 5.18
N ASP A 385 14.78 23.77 5.79
CA ASP A 385 14.95 23.17 7.13
C ASP A 385 16.08 22.12 7.12
N GLU A 386 16.71 21.96 8.29
CA GLU A 386 17.58 20.81 8.64
C GLU A 386 16.82 20.04 9.72
N ASP A 387 16.33 18.84 9.44
CA ASP A 387 15.60 18.09 10.49
C ASP A 387 16.58 17.39 11.43
N GLY A 388 17.85 17.33 11.09
CA GLY A 388 18.87 16.80 12.02
C GLY A 388 19.76 17.91 12.53
N ARG A 389 20.95 17.52 12.99
CA ARG A 389 22.01 18.43 13.53
C ARG A 389 23.34 17.98 12.97
N SER A 390 24.24 18.93 12.74
CA SER A 390 25.67 18.73 12.42
C SER A 390 26.32 17.84 13.49
N LEU A 391 27.16 16.90 13.05
CA LEU A 391 27.88 15.96 13.95
C LEU A 391 29.24 16.55 14.31
N LEU A 392 29.57 17.78 13.85
CA LEU A 392 30.90 18.36 14.17
C LEU A 392 31.11 18.46 15.68
N PRO A 393 30.21 19.05 16.47
CA PRO A 393 30.47 19.12 17.92
C PRO A 393 30.77 17.75 18.53
N LEU A 394 29.98 16.70 18.23
CA LEU A 394 30.25 15.33 18.74
C LEU A 394 31.64 14.89 18.27
N MET A 395 32.02 15.17 17.02
CA MET A 395 33.31 14.71 16.47
C MET A 395 34.46 15.36 17.23
N LYS A 396 34.31 16.65 17.58
CA LYS A 396 35.33 17.43 18.34
C LYS A 396 35.35 17.03 19.80
N GLN A 397 34.18 16.99 20.48
CA GLN A 397 34.10 16.93 21.98
C GLN A 397 33.74 15.51 22.51
N GLY A 398 33.28 14.61 21.65
CA GLY A 398 32.82 13.27 22.10
C GLY A 398 31.38 13.31 22.58
N ASP A 399 30.89 12.22 23.18
CA ASP A 399 29.51 12.10 23.74
C ASP A 399 29.20 13.31 24.65
N SER A 400 30.20 13.90 25.31
CA SER A 400 30.02 15.07 26.23
C SER A 400 29.38 16.28 25.52
N ALA A 401 29.49 16.44 24.21
CA ALA A 401 28.81 17.53 23.46
C ALA A 401 27.31 17.53 23.75
N ASP A 402 26.71 16.37 23.95
CA ASP A 402 25.23 16.23 24.09
C ASP A 402 24.85 15.94 25.54
N ALA A 403 25.72 16.22 26.53
CA ALA A 403 25.38 15.99 27.95
C ALA A 403 24.14 16.81 28.32
N GLY A 404 23.27 16.23 29.14
CA GLY A 404 22.00 16.86 29.55
C GLY A 404 20.85 16.40 28.69
N LYS A 405 21.10 16.00 27.43
CA LYS A 405 20.08 15.93 26.34
C LYS A 405 19.57 14.48 26.26
N ASP A 406 18.28 14.29 25.97
CA ASP A 406 17.71 12.95 25.74
C ASP A 406 18.58 12.25 24.68
N ASP A 407 18.99 11.00 24.89
CA ASP A 407 19.60 10.15 23.85
C ASP A 407 18.48 9.36 23.15
N ILE A 408 17.99 9.89 22.01
CA ILE A 408 16.89 9.27 21.22
C ILE A 408 17.31 9.21 19.75
N SER A 409 16.72 8.28 19.01
CA SER A 409 16.71 8.28 17.53
C SER A 409 15.25 8.17 17.09
N LEU A 410 14.93 8.74 15.93
CA LEU A 410 13.59 8.68 15.30
C LEU A 410 13.71 7.95 13.96
N TYR A 411 12.85 6.98 13.72
CA TYR A 411 12.81 6.19 12.46
C TYR A 411 11.39 6.20 11.91
N ALA A 412 11.29 6.27 10.60
CA ALA A 412 10.00 6.22 9.88
C ALA A 412 10.03 5.08 8.89
N TYR A 413 8.87 4.45 8.69
CA TYR A 413 8.65 3.55 7.54
C TYR A 413 7.27 3.88 6.97
N GLU A 414 7.19 4.98 6.23
CA GLU A 414 5.91 5.55 5.75
C GLU A 414 5.28 4.54 4.78
N TRP A 415 6.10 4.04 3.84
CA TRP A 415 5.72 3.18 2.70
C TRP A 415 6.73 2.03 2.56
N TYR A 416 6.28 0.91 2.02
CA TYR A 416 7.14 -0.13 1.39
C TYR A 416 6.55 -0.44 0.01
N ASN A 417 7.15 0.14 -1.03
CA ASN A 417 6.93 -0.26 -2.43
C ASN A 417 5.42 -0.22 -2.72
N GLY A 418 4.76 0.89 -2.35
CA GLY A 418 3.32 1.12 -2.59
C GLY A 418 2.38 0.64 -1.49
N GLY A 419 2.85 -0.10 -0.49
CA GLY A 419 2.12 -0.32 0.77
C GLY A 419 2.37 0.85 1.71
N TRP A 420 1.30 1.46 2.23
CA TRP A 420 1.39 2.54 3.25
C TRP A 420 1.30 1.91 4.64
N PHE A 421 2.22 2.29 5.53
CA PHE A 421 2.25 1.79 6.94
C PHE A 421 2.31 2.98 7.94
N GLY A 422 2.86 4.13 7.56
CA GLY A 422 2.97 5.29 8.46
C GLY A 422 3.77 5.00 9.72
N ILE A 423 4.65 4.01 9.67
CA ILE A 423 5.33 3.53 10.91
C ILE A 423 6.29 4.61 11.47
N ARG A 424 6.31 4.76 12.79
CA ARG A 424 7.32 5.58 13.51
C ARG A 424 7.87 4.77 14.70
N ALA A 425 9.19 4.78 14.90
CA ALA A 425 9.82 4.23 16.10
C ALA A 425 10.69 5.29 16.78
N ILE A 426 10.72 5.24 18.09
CA ILE A 426 11.59 6.08 18.98
C ILE A 426 12.45 5.09 19.74
N ARG A 427 13.77 5.29 19.74
CA ARG A 427 14.73 4.35 20.35
C ARG A 427 15.58 5.15 21.33
N THR A 428 15.61 4.68 22.58
CA THR A 428 16.55 5.08 23.66
C THR A 428 17.59 3.97 23.73
N PRO A 429 18.68 4.14 24.51
CA PRO A 429 19.64 3.06 24.73
C PRO A 429 19.01 1.79 25.34
N GLU A 430 17.87 1.91 25.99
CA GLU A 430 17.26 0.83 26.80
C GLU A 430 15.92 0.34 26.23
N MET A 431 15.23 1.14 25.41
CA MET A 431 13.82 0.88 25.03
C MET A 431 13.60 1.25 23.55
N LYS A 432 12.68 0.56 22.89
CA LYS A 432 12.16 0.96 21.57
C LYS A 432 10.64 0.83 21.57
N PHE A 433 9.97 1.93 21.20
CA PHE A 433 8.52 2.00 20.93
C PHE A 433 8.33 2.17 19.43
N VAL A 434 7.56 1.27 18.84
CA VAL A 434 7.17 1.37 17.41
C VAL A 434 5.67 1.57 17.35
N TRP A 435 5.24 2.67 16.74
CA TRP A 435 3.84 3.00 16.36
C TRP A 435 3.54 2.46 14.97
N ASN A 436 2.52 1.60 14.86
CA ASN A 436 2.04 0.94 13.62
C ASN A 436 0.61 1.37 13.33
N PRO A 437 0.40 2.61 12.84
CA PRO A 437 -0.95 3.18 12.74
C PRO A 437 -1.84 2.50 11.68
N GLY A 438 -1.26 1.55 10.93
CA GLY A 438 -2.00 0.74 9.94
C GLY A 438 -2.32 -0.63 10.52
N ASP A 439 -2.15 -0.77 11.84
CA ASP A 439 -2.41 -2.01 12.62
C ASP A 439 -3.04 -1.56 13.94
N SER A 440 -3.56 -2.50 14.72
CA SER A 440 -4.02 -2.30 16.12
C SER A 440 -2.87 -2.65 17.07
N ARG A 441 -1.79 -3.20 16.54
CA ARG A 441 -0.70 -3.76 17.38
C ARG A 441 0.55 -2.89 17.24
N ASP A 442 0.93 -2.18 18.29
CA ASP A 442 2.23 -1.47 18.38
C ASP A 442 3.29 -2.44 18.91
N GLU A 443 4.54 -2.04 18.92
CA GLU A 443 5.65 -2.85 19.48
C GLU A 443 6.33 -2.06 20.61
N LEU A 444 6.76 -2.75 21.67
CA LEU A 444 7.55 -2.16 22.77
C LEU A 444 8.62 -3.18 23.15
N TYR A 445 9.89 -2.86 22.91
CA TYR A 445 11.03 -3.73 23.18
C TYR A 445 11.88 -3.14 24.29
N ASP A 446 12.25 -4.03 25.22
CA ASP A 446 13.23 -3.76 26.30
C ASP A 446 14.61 -4.14 25.78
N LEU A 447 15.38 -3.16 25.32
CA LEU A 447 16.62 -3.42 24.57
C LEU A 447 17.71 -3.84 25.55
N LYS A 448 17.55 -3.51 26.83
CA LYS A 448 18.57 -3.86 27.86
C LYS A 448 18.43 -5.36 28.20
N ASN A 449 17.21 -5.86 28.40
CA ASN A 449 16.96 -7.26 28.85
C ASN A 449 16.62 -8.17 27.65
N ASP A 450 16.34 -7.59 26.47
CA ASP A 450 15.87 -8.29 25.23
C ASP A 450 16.39 -7.54 24.01
N PRO A 451 17.75 -7.39 23.84
CA PRO A 451 18.30 -6.66 22.72
C PRO A 451 18.02 -7.29 21.35
N TYR A 452 17.61 -8.56 21.27
CA TYR A 452 17.23 -9.26 20.00
C TYR A 452 15.74 -9.01 19.67
N GLU A 453 15.05 -8.22 20.51
CA GLU A 453 13.70 -7.70 20.24
C GLU A 453 12.73 -8.88 19.99
N ILE A 454 12.82 -9.93 20.78
CA ILE A 454 12.00 -11.16 20.62
C ILE A 454 10.62 -10.96 21.22
N THR A 455 10.51 -10.23 22.34
CA THR A 455 9.25 -10.13 23.14
C THR A 455 8.65 -8.74 23.03
N ASN A 456 7.47 -8.64 22.45
CA ASN A 456 6.65 -7.41 22.35
C ASN A 456 5.97 -7.19 23.70
N GLN A 457 6.35 -6.13 24.39
CA GLN A 457 5.89 -5.87 25.77
C GLN A 457 4.74 -4.86 25.75
N ILE A 458 4.14 -4.57 24.60
CA ILE A 458 3.17 -3.45 24.41
C ILE A 458 2.03 -3.56 25.43
N ASP A 459 1.52 -4.76 25.71
CA ASP A 459 0.35 -4.99 26.60
C ASP A 459 0.79 -5.31 28.04
N ASN A 460 2.08 -5.19 28.34
CA ASN A 460 2.66 -5.65 29.62
C ASN A 460 2.60 -4.49 30.60
N PRO A 461 1.70 -4.57 31.61
CA PRO A 461 1.51 -3.48 32.55
C PRO A 461 2.80 -3.12 33.33
N LYS A 462 3.73 -4.07 33.50
CA LYS A 462 5.03 -3.80 34.16
C LYS A 462 5.79 -2.69 33.39
N TYR A 463 5.42 -2.40 32.13
CA TYR A 463 6.18 -1.48 31.25
C TYR A 463 5.38 -0.20 30.97
N LYS A 464 4.24 0.03 31.64
CA LYS A 464 3.36 1.24 31.54
C LYS A 464 4.23 2.52 31.63
N LYS A 465 5.06 2.67 32.66
CA LYS A 465 5.82 3.94 32.90
C LYS A 465 6.72 4.17 31.66
N GLN A 466 7.46 3.16 31.17
CA GLN A 466 8.41 3.31 30.03
C GLN A 466 7.63 3.60 28.72
N LEU A 467 6.54 2.90 28.47
CA LEU A 467 5.64 3.16 27.31
C LEU A 467 5.21 4.65 27.34
N THR A 468 4.71 5.12 28.48
CA THR A 468 4.17 6.50 28.68
C THR A 468 5.29 7.49 28.32
N ASP A 469 6.50 7.27 28.83
CA ASP A 469 7.68 8.15 28.57
C ASP A 469 7.92 8.15 27.04
N LEU A 470 7.92 6.98 26.40
CA LEU A 470 8.28 6.87 24.97
C LEU A 470 7.19 7.48 24.08
N VAL A 471 5.91 7.34 24.45
CA VAL A 471 4.78 7.99 23.74
C VAL A 471 5.00 9.51 23.76
N HIS A 472 5.34 10.10 24.92
CA HIS A 472 5.56 11.56 25.04
C HIS A 472 6.78 11.96 24.22
N LYS A 473 7.88 11.21 24.29
CA LYS A 473 9.07 11.56 23.48
C LYS A 473 8.67 11.51 22.00
N MET A 474 7.86 10.52 21.58
CA MET A 474 7.48 10.43 20.15
C MET A 474 6.63 11.64 19.76
N ALA A 475 5.62 12.00 20.57
CA ALA A 475 4.76 13.19 20.33
C ALA A 475 5.64 14.45 20.17
N GLY A 476 6.66 14.60 21.01
CA GLY A 476 7.64 15.69 20.92
C GLY A 476 8.42 15.67 19.60
N GLU A 477 8.87 14.47 19.17
CA GLU A 477 9.63 14.38 17.91
C GLU A 477 8.70 14.70 16.74
N LEU A 478 7.46 14.21 16.76
CA LEU A 478 6.57 14.44 15.61
C LEU A 478 6.23 15.91 15.55
N ASN A 479 6.06 16.56 16.70
CA ASN A 479 5.81 18.02 16.70
C ASN A 479 7.05 18.71 16.13
N ARG A 480 8.23 18.40 16.66
CA ARG A 480 9.48 19.07 16.24
C ARG A 480 9.60 19.06 14.71
N ILE A 481 9.35 17.92 14.04
CA ILE A 481 9.59 17.81 12.57
C ILE A 481 8.34 18.16 11.78
N ASP A 482 7.24 18.56 12.45
CA ASP A 482 5.98 19.02 11.79
C ASP A 482 5.37 17.87 10.97
N ASP A 483 5.46 16.65 11.49
CA ASP A 483 4.83 15.46 10.89
C ASP A 483 3.32 15.62 11.02
N PRO A 484 2.55 15.69 9.91
CA PRO A 484 1.09 15.78 10.04
C PRO A 484 0.41 14.53 10.64
N SER A 485 1.13 13.41 10.85
CA SER A 485 0.55 12.18 11.47
C SER A 485 0.42 12.37 13.00
N LEU A 486 0.87 13.51 13.54
CA LEU A 486 0.79 13.82 14.99
C LEU A 486 -0.67 13.82 15.44
N THR A 487 -1.60 14.32 14.61
CA THR A 487 -3.06 14.34 14.93
C THR A 487 -3.49 12.90 15.22
N LYS A 488 -3.23 11.98 14.31
CA LYS A 488 -3.66 10.55 14.44
C LYS A 488 -2.94 9.95 15.63
N PHE A 489 -1.68 10.30 15.81
CA PHE A 489 -0.88 9.81 16.96
C PHE A 489 -1.61 10.17 18.26
N ASN A 490 -2.03 11.44 18.41
CA ASN A 490 -2.73 11.94 19.62
C ASN A 490 -4.04 11.16 19.81
N HIS A 491 -4.76 10.80 18.74
CA HIS A 491 -5.96 9.92 18.80
C HIS A 491 -5.55 8.50 19.27
N HIS A 492 -4.64 7.82 18.57
CA HIS A 492 -4.21 6.44 18.93
C HIS A 492 -3.68 6.40 20.37
N MET A 493 -2.94 7.42 20.81
CA MET A 493 -2.27 7.42 22.15
C MET A 493 -3.06 8.20 23.21
N LYS A 494 -4.37 8.40 23.05
CA LYS A 494 -5.12 9.34 23.94
C LYS A 494 -5.20 8.77 25.37
N ALA A 495 -5.00 7.46 25.57
CA ALA A 495 -4.93 6.86 26.93
C ALA A 495 -3.73 7.41 27.74
N PHE A 496 -2.82 8.17 27.11
CA PHE A 496 -1.56 8.66 27.70
C PHE A 496 -1.39 10.19 27.65
N LEU A 497 -2.40 11.01 27.33
CA LEU A 497 -2.25 12.51 27.34
C LEU A 497 -3.39 13.16 28.15
N LYS B 25 -44.83 18.44 -2.21
CA LYS B 25 -44.18 18.48 -3.57
C LYS B 25 -42.85 17.70 -3.55
N LYS B 26 -42.12 17.62 -2.42
CA LYS B 26 -40.80 16.93 -2.28
C LYS B 26 -40.97 15.43 -2.00
N PRO B 27 -40.37 14.53 -2.80
CA PRO B 27 -40.71 13.11 -2.75
C PRO B 27 -40.07 12.36 -1.57
N ASN B 28 -40.77 11.34 -1.08
CA ASN B 28 -40.21 10.36 -0.13
C ASN B 28 -39.24 9.49 -0.94
N VAL B 29 -38.12 9.13 -0.34
CA VAL B 29 -36.99 8.40 -0.98
C VAL B 29 -36.58 7.28 -0.04
N LEU B 30 -36.52 6.05 -0.55
CA LEU B 30 -35.99 4.86 0.15
C LEU B 30 -34.82 4.33 -0.68
N ILE B 31 -33.65 4.19 -0.07
CA ILE B 31 -32.50 3.46 -0.68
C ILE B 31 -32.33 2.14 0.07
N LEU B 32 -32.29 1.05 -0.71
CA LEU B 32 -31.92 -0.31 -0.28
C LEU B 32 -30.55 -0.59 -0.88
N LEU B 33 -29.54 -0.55 -0.01
CA LEU B 33 -28.11 -0.61 -0.38
C LEU B 33 -27.57 -1.94 0.16
N PHE B 34 -27.03 -2.78 -0.73
CA PHE B 34 -26.50 -4.12 -0.39
C PHE B 34 -24.99 -4.09 -0.58
N ASP B 35 -24.32 -4.96 0.15
CA ASP B 35 -22.84 -5.03 0.24
C ASP B 35 -22.37 -6.23 -0.57
N ASP B 36 -21.67 -5.96 -1.68
CA ASP B 36 -21.05 -6.97 -2.56
C ASP B 36 -22.13 -7.79 -3.31
N MET B 37 -23.30 -7.20 -3.60
CA MET B 37 -24.35 -7.87 -4.38
C MET B 37 -24.05 -7.69 -5.88
N ARG B 38 -23.84 -8.78 -6.59
CA ARG B 38 -23.52 -8.78 -8.04
C ARG B 38 -24.74 -8.39 -8.86
N PHE B 39 -24.50 -8.08 -10.12
CA PHE B 39 -25.52 -7.62 -11.09
C PHE B 39 -26.38 -8.79 -11.59
N ASP B 40 -25.86 -10.02 -11.53
CA ASP B 40 -26.27 -11.10 -12.48
C ASP B 40 -27.08 -12.23 -11.83
N THR B 41 -27.34 -12.16 -10.52
CA THR B 41 -27.88 -13.29 -9.74
C THR B 41 -29.39 -13.42 -9.92
N PHE B 42 -30.08 -12.30 -10.14
CA PHE B 42 -31.56 -12.16 -10.04
C PHE B 42 -32.25 -12.84 -11.22
N SER B 43 -33.43 -13.39 -10.96
CA SER B 43 -34.24 -14.07 -12.01
C SER B 43 -34.66 -13.07 -13.11
N TYR B 44 -34.85 -11.77 -12.81
CA TYR B 44 -35.15 -10.73 -13.85
C TYR B 44 -33.96 -10.56 -14.79
N ARG B 45 -32.73 -10.92 -14.41
CA ARG B 45 -31.54 -10.92 -15.31
C ARG B 45 -31.28 -12.32 -15.89
N ASN B 46 -32.21 -13.26 -15.74
CA ASN B 46 -32.07 -14.65 -16.21
C ASN B 46 -30.95 -15.31 -15.41
N GLY B 47 -30.74 -14.85 -14.17
CA GLY B 47 -29.78 -15.39 -13.22
C GLY B 47 -30.36 -16.62 -12.50
N PRO B 48 -29.52 -17.38 -11.78
CA PRO B 48 -29.93 -18.69 -11.26
C PRO B 48 -30.79 -18.67 -9.99
N VAL B 49 -31.07 -17.49 -9.41
CA VAL B 49 -31.81 -17.35 -8.12
C VAL B 49 -33.16 -16.70 -8.37
N SER B 50 -34.20 -17.35 -7.84
CA SER B 50 -35.59 -16.87 -7.91
C SER B 50 -35.70 -15.68 -6.96
N THR B 51 -35.94 -14.47 -7.49
CA THR B 51 -35.97 -13.21 -6.70
C THR B 51 -37.24 -12.45 -7.06
N PRO B 52 -38.44 -12.98 -6.70
CA PRO B 52 -39.70 -12.35 -7.15
C PRO B 52 -39.90 -10.90 -6.65
N ASN B 53 -39.53 -10.55 -5.42
CA ASN B 53 -39.77 -9.17 -4.88
C ASN B 53 -38.84 -8.17 -5.58
N ILE B 54 -37.57 -8.50 -5.79
CA ILE B 54 -36.64 -7.61 -6.55
C ILE B 54 -37.09 -7.57 -8.01
N ASP B 55 -37.54 -8.69 -8.56
CA ASP B 55 -38.07 -8.79 -9.94
C ASP B 55 -39.25 -7.80 -10.07
N ALA B 56 -40.17 -7.75 -9.10
CA ALA B 56 -41.38 -6.88 -9.15
C ALA B 56 -40.93 -5.42 -9.10
N LEU B 57 -39.95 -5.09 -8.27
CA LEU B 57 -39.41 -3.71 -8.23
C LEU B 57 -38.77 -3.35 -9.58
N ALA B 58 -37.94 -4.22 -10.14
CA ALA B 58 -37.31 -4.07 -11.48
C ALA B 58 -38.37 -3.78 -12.55
N ASN B 59 -39.47 -4.51 -12.48
CA ASN B 59 -40.56 -4.41 -13.49
C ASN B 59 -41.34 -3.11 -13.33
N GLU B 60 -41.47 -2.59 -12.11
CA GLU B 60 -42.24 -1.34 -11.90
C GLU B 60 -41.34 -0.11 -12.05
N GLY B 61 -40.03 -0.30 -12.04
CA GLY B 61 -39.10 0.83 -12.07
C GLY B 61 -38.24 0.87 -13.31
N THR B 62 -37.15 1.62 -13.24
CA THR B 62 -36.19 1.71 -14.35
C THR B 62 -35.00 0.79 -14.04
N ARG B 63 -34.84 -0.27 -14.83
CA ARG B 63 -33.70 -1.20 -14.75
C ARG B 63 -32.47 -0.55 -15.40
N PHE B 64 -31.40 -0.40 -14.64
CA PHE B 64 -30.05 -0.01 -15.13
C PHE B 64 -29.19 -1.25 -15.22
N ASP B 65 -29.27 -1.90 -16.36
CA ASP B 65 -28.74 -3.26 -16.56
C ASP B 65 -27.25 -3.16 -16.86
N GLN B 66 -26.73 -1.94 -17.07
CA GLN B 66 -25.29 -1.75 -17.35
C GLN B 66 -24.73 -0.70 -16.38
N ALA B 67 -25.26 -0.67 -15.17
CA ALA B 67 -24.70 0.10 -14.06
C ALA B 67 -23.31 -0.47 -13.68
N MET B 68 -22.35 0.43 -13.44
CA MET B 68 -20.97 0.15 -12.99
C MET B 68 -20.72 0.90 -11.68
N THR B 69 -20.13 0.27 -10.68
CA THR B 69 -19.64 0.99 -9.48
C THR B 69 -18.42 1.85 -9.87
N SER B 70 -18.02 2.70 -8.95
CA SER B 70 -16.87 3.64 -9.09
C SER B 70 -15.57 2.89 -8.77
N THR B 71 -15.66 1.96 -7.81
CA THR B 71 -14.54 1.18 -7.26
C THR B 71 -15.11 -0.12 -6.69
N GLY B 72 -14.43 -1.25 -6.91
CA GLY B 72 -14.76 -2.54 -6.26
C GLY B 72 -14.30 -2.59 -4.82
N LEU B 73 -14.66 -1.58 -4.03
CA LEU B 73 -14.30 -1.52 -2.59
C LEU B 73 -15.31 -0.62 -1.88
N SER B 74 -15.56 -0.88 -0.62
CA SER B 74 -16.78 -0.43 0.09
C SER B 74 -16.75 1.09 0.30
N SER B 75 -15.83 1.60 1.12
CA SER B 75 -15.89 3.02 1.56
C SER B 75 -15.79 3.91 0.34
N PRO B 76 -14.82 3.73 -0.58
CA PRO B 76 -14.76 4.57 -1.76
C PRO B 76 -16.07 4.59 -2.56
N SER B 77 -16.68 3.41 -2.73
CA SER B 77 -17.92 3.27 -3.53
C SER B 77 -19.03 4.03 -2.83
N ARG B 78 -19.07 3.99 -1.51
CA ARG B 78 -20.15 4.62 -0.71
C ARG B 78 -19.94 6.13 -0.63
N ALA B 79 -18.71 6.60 -0.45
CA ALA B 79 -18.39 8.04 -0.48
C ALA B 79 -18.82 8.59 -1.84
N ALA B 80 -18.49 7.92 -2.92
CA ALA B 80 -18.87 8.38 -4.28
C ALA B 80 -20.40 8.43 -4.33
N MET B 81 -21.05 7.36 -3.90
CA MET B 81 -22.54 7.26 -3.97
C MET B 81 -23.14 8.47 -3.26
N PHE B 82 -22.71 8.74 -2.02
CA PHE B 82 -23.41 9.70 -1.13
C PHE B 82 -22.96 11.15 -1.33
N THR B 83 -21.78 11.43 -1.88
CA THR B 83 -21.29 12.82 -2.08
C THR B 83 -21.47 13.29 -3.54
N GLY B 84 -21.42 12.34 -4.49
CA GLY B 84 -21.42 12.60 -5.94
C GLY B 84 -20.06 13.05 -6.45
N ARG B 85 -18.99 12.79 -5.72
CA ARG B 85 -17.64 13.21 -6.18
C ARG B 85 -16.65 12.06 -6.06
N TRP B 86 -15.68 12.01 -6.95
CA TRP B 86 -14.55 11.04 -6.91
C TRP B 86 -13.68 11.22 -5.67
N GLY B 87 -13.06 10.14 -5.23
CA GLY B 87 -12.21 10.09 -4.01
C GLY B 87 -11.06 11.09 -4.03
N HIS B 88 -10.51 11.47 -5.17
CA HIS B 88 -9.40 12.46 -5.20
C HIS B 88 -9.94 13.82 -4.75
N LYS B 89 -11.24 14.07 -4.88
CA LYS B 89 -11.84 15.35 -4.41
C LYS B 89 -12.29 15.24 -2.96
N THR B 90 -12.85 14.10 -2.52
CA THR B 90 -13.39 13.97 -1.13
C THR B 90 -12.31 13.58 -0.13
N GLY B 91 -11.23 12.97 -0.62
CA GLY B 91 -10.18 12.37 0.23
C GLY B 91 -10.51 10.95 0.65
N LEU B 92 -11.66 10.41 0.25
CA LEU B 92 -12.13 9.08 0.75
C LEU B 92 -11.87 8.04 -0.34
N ASP B 93 -10.63 7.57 -0.44
CA ASP B 93 -10.14 6.89 -1.66
C ASP B 93 -9.67 5.49 -1.29
N ASP B 94 -9.90 5.08 -0.03
CA ASP B 94 -9.64 3.71 0.47
C ASP B 94 -10.74 3.32 1.45
N ASN B 95 -10.84 2.04 1.78
CA ASN B 95 -11.66 1.59 2.93
C ASN B 95 -11.17 2.32 4.17
N VAL B 96 -12.06 2.54 5.15
CA VAL B 96 -11.69 3.12 6.48
C VAL B 96 -11.65 1.98 7.50
N GLY B 97 -10.75 2.08 8.48
CA GLY B 97 -10.76 1.25 9.68
C GLY B 97 -10.27 -0.15 9.44
N LEU B 98 -9.40 -0.37 8.44
CA LEU B 98 -8.86 -1.72 8.10
C LEU B 98 -7.34 -1.68 7.92
N TYR B 99 -6.64 -2.73 8.35
CA TYR B 99 -5.23 -3.00 7.98
C TYR B 99 -5.16 -2.97 6.45
N HIS B 100 -4.27 -2.14 5.83
CA HIS B 100 -3.44 -1.14 6.48
C HIS B 100 -3.71 0.24 5.87
N SER B 101 -4.97 0.57 5.67
CA SER B 101 -5.46 1.90 5.19
C SER B 101 -5.02 3.01 6.14
N ARG B 102 -4.77 4.17 5.59
CA ARG B 102 -4.42 5.40 6.34
C ARG B 102 -5.69 6.07 6.86
N LEU B 103 -6.88 5.64 6.43
CA LEU B 103 -8.12 6.42 6.65
C LEU B 103 -8.93 5.88 7.81
N SER B 104 -9.65 6.79 8.45
CA SER B 104 -10.58 6.51 9.56
C SER B 104 -12.03 6.92 9.21
N GLU B 105 -12.24 8.06 8.51
CA GLU B 105 -13.59 8.64 8.26
C GLU B 105 -13.62 9.59 7.05
N LEU B 106 -14.78 9.69 6.40
CA LEU B 106 -15.14 10.81 5.50
C LEU B 106 -15.04 12.08 6.32
N SER B 107 -14.30 13.08 5.85
CA SER B 107 -14.30 14.44 6.46
C SER B 107 -15.74 14.91 6.74
N LEU B 108 -16.01 15.47 7.94
CA LEU B 108 -17.33 16.08 8.29
C LEU B 108 -17.60 17.30 7.39
N SER B 109 -16.60 17.78 6.64
CA SER B 109 -16.82 18.88 5.68
C SER B 109 -17.52 18.35 4.42
N GLU B 110 -17.59 17.01 4.25
CA GLU B 110 -18.42 16.38 3.21
C GLU B 110 -19.74 15.99 3.86
N GLY B 111 -20.74 16.87 3.80
CA GLY B 111 -22.01 16.58 4.47
C GLY B 111 -22.76 15.44 3.84
N SER B 112 -22.54 15.24 2.53
CA SER B 112 -23.16 14.21 1.65
C SER B 112 -24.62 14.56 1.33
N VAL B 113 -25.33 13.65 0.69
CA VAL B 113 -26.76 13.93 0.38
C VAL B 113 -27.51 13.96 1.71
N ILE B 114 -26.97 13.31 2.74
CA ILE B 114 -27.63 13.26 4.08
C ILE B 114 -27.76 14.67 4.64
N LYS B 115 -26.67 15.45 4.73
CA LYS B 115 -26.70 16.82 5.33
C LYS B 115 -27.51 17.71 4.40
N ARG B 116 -27.26 17.62 3.09
CA ARG B 116 -28.01 18.42 2.10
C ARG B 116 -29.52 18.16 2.29
N ALA B 117 -29.96 16.89 2.36
CA ALA B 117 -31.41 16.56 2.49
C ALA B 117 -31.94 17.12 3.82
N THR B 118 -31.18 16.97 4.91
CA THR B 118 -31.55 17.47 6.25
C THR B 118 -31.79 18.98 6.17
N SER B 119 -30.93 19.71 5.47
CA SER B 119 -30.93 21.18 5.49
C SER B 119 -32.20 21.72 4.78
N ILE B 120 -32.83 20.93 3.90
CA ILE B 120 -34.06 21.38 3.19
C ILE B 120 -35.34 20.74 3.80
N GLY B 121 -35.28 20.12 4.99
CA GLY B 121 -36.46 19.64 5.73
C GLY B 121 -36.76 18.15 5.57
N TYR B 122 -35.87 17.33 5.01
CA TYR B 122 -35.98 15.84 5.08
C TYR B 122 -35.66 15.36 6.49
N ASP B 123 -36.50 14.46 6.99
CA ASP B 123 -36.14 13.53 8.08
C ASP B 123 -35.35 12.39 7.44
N VAL B 124 -34.05 12.37 7.69
CA VAL B 124 -33.15 11.31 7.16
C VAL B 124 -32.94 10.28 8.26
N SER B 125 -33.19 9.01 7.92
CA SER B 125 -32.94 7.85 8.81
C SER B 125 -31.98 6.87 8.10
N TYR B 126 -31.10 6.26 8.87
CA TYR B 126 -30.05 5.34 8.36
C TYR B 126 -30.10 4.09 9.21
N VAL B 127 -30.19 2.94 8.54
CA VAL B 127 -30.08 1.61 9.18
C VAL B 127 -28.94 0.84 8.53
N GLY B 128 -28.04 0.30 9.33
CA GLY B 128 -27.05 -0.71 8.92
C GLY B 128 -25.68 -0.10 8.64
N LYS B 129 -24.91 -0.76 7.79
CA LYS B 129 -23.48 -0.46 7.50
C LYS B 129 -23.37 0.95 6.89
N TRP B 130 -22.59 1.84 7.52
CA TRP B 130 -22.22 3.16 6.97
C TRP B 130 -20.86 3.04 6.25
N HIS B 131 -19.87 2.51 6.95
CA HIS B 131 -18.47 2.27 6.49
C HIS B 131 -17.82 3.58 6.02
N LEU B 132 -18.23 4.75 6.54
CA LEU B 132 -17.57 6.04 6.20
C LEU B 132 -17.09 6.78 7.45
N GLY B 133 -16.93 6.07 8.57
CA GLY B 133 -16.44 6.62 9.85
C GLY B 133 -17.54 6.56 10.88
N ALA B 134 -17.20 6.16 12.11
CA ALA B 134 -18.12 6.01 13.27
C ALA B 134 -19.03 7.23 13.42
N GLN B 135 -20.30 6.99 13.74
CA GLN B 135 -21.38 7.99 13.97
C GLN B 135 -21.68 8.86 12.74
N GLY B 136 -21.10 8.57 11.56
CA GLY B 136 -21.12 9.47 10.40
C GLY B 136 -22.52 9.95 9.99
N PRO B 137 -23.52 9.07 9.86
CA PRO B 137 -24.87 9.54 9.51
C PRO B 137 -25.41 10.55 10.54
N ALA B 138 -25.18 10.33 11.84
CA ALA B 138 -25.74 11.14 12.95
C ALA B 138 -25.07 12.52 12.95
N LEU B 139 -23.76 12.57 12.68
CA LEU B 139 -22.99 13.83 12.61
C LEU B 139 -23.50 14.67 11.45
N ARG B 140 -24.13 14.06 10.45
CA ARG B 140 -24.60 14.80 9.27
C ARG B 140 -26.11 15.09 9.37
N GLY B 141 -26.73 14.76 10.51
CA GLY B 141 -28.15 15.11 10.78
C GLY B 141 -29.14 13.98 10.55
N ALA B 142 -28.73 12.77 10.15
CA ALA B 142 -29.63 11.61 10.09
C ALA B 142 -29.96 11.10 11.49
N ASN B 143 -31.14 10.50 11.63
CA ASN B 143 -31.46 9.54 12.71
C ASN B 143 -30.73 8.21 12.38
N PHE B 144 -29.59 7.94 13.00
CA PHE B 144 -28.88 6.64 12.88
C PHE B 144 -29.58 5.67 13.83
N MET B 145 -30.59 4.98 13.32
CA MET B 145 -31.50 4.12 14.12
C MET B 145 -30.72 2.94 14.65
N TRP B 146 -29.91 2.31 13.82
CA TRP B 146 -29.20 1.07 14.19
C TRP B 146 -28.10 0.78 13.18
N GLY B 147 -26.96 0.26 13.66
CA GLY B 147 -25.86 -0.19 12.79
C GLY B 147 -24.55 -0.29 13.52
N HIS B 148 -23.61 -1.07 12.97
CA HIS B 148 -22.28 -1.33 13.59
C HIS B 148 -21.64 -0.01 14.03
N ASP B 149 -21.80 1.04 13.23
CA ASP B 149 -21.07 2.34 13.27
C ASP B 149 -21.74 3.35 14.20
N LYS B 150 -22.91 3.03 14.76
CA LYS B 150 -23.76 4.03 15.44
C LYS B 150 -23.10 4.46 16.76
N ASP B 151 -22.57 3.53 17.57
CA ASP B 151 -22.08 3.88 18.92
C ASP B 151 -20.56 3.79 19.07
N GLU B 152 -19.81 3.64 17.97
CA GLU B 152 -18.32 3.55 18.00
C GLU B 152 -17.68 4.92 18.30
N GLU B 153 -16.52 4.87 18.95
CA GLU B 153 -15.56 6.00 19.07
C GLU B 153 -14.96 6.26 17.68
N ARG B 154 -14.81 7.53 17.31
CA ARG B 154 -14.10 7.90 16.08
C ARG B 154 -12.61 7.58 16.26
N ASN B 155 -11.89 7.47 15.15
CA ASN B 155 -10.42 7.41 15.13
C ASN B 155 -9.91 6.15 15.85
N GLY B 156 -10.64 5.04 15.73
CA GLY B 156 -10.25 3.68 16.17
C GLY B 156 -9.04 3.11 15.43
N ARG B 157 -8.38 2.15 16.07
CA ARG B 157 -7.28 1.37 15.47
C ARG B 157 -7.88 0.58 14.31
N PRO B 158 -7.21 0.53 13.15
CA PRO B 158 -7.61 -0.34 12.04
C PRO B 158 -7.80 -1.81 12.48
N PHE B 159 -8.91 -2.38 12.05
CA PHE B 159 -9.20 -3.81 12.27
C PHE B 159 -8.18 -4.58 11.46
N THR B 160 -7.29 -5.32 12.16
CA THR B 160 -6.20 -6.13 11.56
C THR B 160 -6.67 -7.59 11.60
N PRO B 161 -6.66 -8.31 10.48
CA PRO B 161 -7.33 -9.62 10.42
C PRO B 161 -6.51 -10.82 10.95
N TYR B 162 -6.07 -10.75 12.18
CA TYR B 162 -5.24 -11.79 12.86
C TYR B 162 -5.96 -13.14 12.89
N GLN B 163 -7.28 -13.14 13.16
CA GLN B 163 -8.07 -14.39 13.25
C GLN B 163 -8.23 -14.98 11.82
N THR B 164 -8.58 -14.15 10.83
CA THR B 164 -8.71 -14.66 9.44
C THR B 164 -7.35 -15.24 9.00
N GLN B 165 -6.22 -14.59 9.32
CA GLN B 165 -4.88 -15.12 8.99
C GLN B 165 -4.70 -16.53 9.57
N LYS B 166 -4.96 -16.72 10.87
CA LYS B 166 -4.83 -18.05 11.55
C LYS B 166 -5.76 -19.09 10.91
N ASN B 167 -7.01 -18.73 10.62
CA ASN B 167 -7.99 -19.64 9.94
C ASN B 167 -7.43 -20.12 8.61
N VAL B 168 -6.87 -19.21 7.82
CA VAL B 168 -6.42 -19.56 6.43
C VAL B 168 -5.16 -20.46 6.53
N ALA B 169 -4.30 -20.24 7.52
CA ALA B 169 -3.17 -21.17 7.81
C ALA B 169 -3.73 -22.60 8.07
N ARG B 170 -4.77 -22.71 8.90
CA ARG B 170 -5.44 -24.01 9.13
C ARG B 170 -5.91 -24.57 7.77
N MET B 171 -6.51 -23.76 6.92
CA MET B 171 -7.06 -24.29 5.64
C MET B 171 -5.89 -24.79 4.77
N ASN B 172 -4.72 -24.18 4.85
CA ASN B 172 -3.54 -24.52 4.00
C ASN B 172 -2.96 -25.84 4.46
N ALA B 173 -3.23 -26.24 5.70
CA ALA B 173 -2.73 -27.53 6.25
C ALA B 173 -3.77 -28.62 5.99
N GLY B 174 -4.86 -28.30 5.28
CA GLY B 174 -5.87 -29.28 4.83
C GLY B 174 -7.00 -29.46 5.85
N GLU B 175 -7.09 -28.57 6.82
CA GLU B 175 -8.21 -28.57 7.79
C GLU B 175 -9.48 -27.99 7.15
N ARG B 176 -10.59 -28.40 7.74
CA ARG B 176 -11.92 -27.84 7.47
C ARG B 176 -12.49 -27.43 8.84
N ASP B 177 -13.50 -26.56 8.82
CA ASP B 177 -14.26 -26.09 10.00
C ASP B 177 -15.45 -27.04 10.17
N LYS B 178 -16.37 -26.73 11.09
CA LYS B 178 -17.55 -27.61 11.41
C LYS B 178 -18.27 -28.00 10.11
N ASN B 179 -18.59 -29.30 9.98
CA ASN B 179 -19.55 -29.85 8.97
C ASN B 179 -18.89 -29.90 7.59
N GLY B 180 -17.56 -29.84 7.50
CA GLY B 180 -16.82 -29.83 6.22
C GLY B 180 -16.75 -28.45 5.58
N GLU B 181 -17.25 -27.42 6.26
CA GLU B 181 -17.35 -26.08 5.66
C GLU B 181 -16.01 -25.37 5.84
N LYS B 182 -15.88 -24.20 5.20
CA LYS B 182 -14.75 -23.26 5.34
C LYS B 182 -15.31 -21.87 5.59
N HIS B 183 -15.33 -21.52 6.87
CA HIS B 183 -16.07 -20.38 7.50
C HIS B 183 -15.51 -19.02 7.07
N ASP B 184 -14.36 -18.97 6.40
CA ASP B 184 -13.89 -17.72 5.75
C ASP B 184 -14.50 -17.55 4.35
N TYR B 185 -15.29 -18.52 3.84
CA TYR B 185 -15.86 -18.54 2.46
C TYR B 185 -17.39 -18.77 2.50
N TYR B 186 -17.84 -19.76 3.25
CA TYR B 186 -19.27 -20.14 3.37
C TYR B 186 -19.46 -20.77 4.74
N LYS B 187 -20.64 -20.56 5.33
CA LYS B 187 -20.94 -21.00 6.71
C LYS B 187 -22.46 -21.19 6.87
N THR B 188 -22.90 -22.34 7.36
CA THR B 188 -24.29 -22.53 7.87
C THR B 188 -24.36 -21.87 9.25
N LEU B 189 -25.18 -20.84 9.41
CA LEU B 189 -25.41 -20.20 10.71
C LEU B 189 -26.51 -20.98 11.43
N PRO B 190 -26.45 -21.03 12.78
CA PRO B 190 -27.54 -21.60 13.58
C PRO B 190 -28.81 -20.75 13.47
N GLY B 191 -29.93 -21.35 13.91
CA GLY B 191 -31.22 -20.65 14.06
C GLY B 191 -31.91 -20.48 12.72
N THR B 192 -32.65 -19.37 12.60
CA THR B 192 -33.63 -19.09 11.53
C THR B 192 -33.34 -17.70 10.98
N TYR B 193 -34.07 -17.34 9.93
CA TYR B 193 -34.09 -15.97 9.37
C TYR B 193 -34.26 -14.96 10.52
N ALA B 194 -35.15 -15.26 11.47
CA ALA B 194 -35.62 -14.29 12.49
C ALA B 194 -34.45 -13.92 13.43
N ASP B 195 -33.43 -14.77 13.56
CA ASP B 195 -32.25 -14.55 14.45
C ASP B 195 -31.11 -13.78 13.73
N THR B 196 -31.24 -13.50 12.44
CA THR B 196 -30.14 -12.94 11.62
C THR B 196 -30.04 -11.41 11.75
N VAL B 197 -28.87 -10.91 11.45
CA VAL B 197 -28.62 -9.46 11.31
C VAL B 197 -29.59 -8.90 10.24
N THR B 198 -29.78 -9.62 9.13
CA THR B 198 -30.72 -9.16 8.08
C THR B 198 -32.08 -8.92 8.71
N ALA B 199 -32.61 -9.85 9.53
CA ALA B 199 -33.95 -9.73 10.16
C ALA B 199 -33.99 -8.46 11.03
N LYS B 200 -32.90 -8.11 11.69
CA LYS B 200 -32.83 -6.90 12.54
C LYS B 200 -32.84 -5.64 11.64
N GLU B 201 -32.09 -5.67 10.53
CA GLU B 201 -32.02 -4.52 9.60
C GLU B 201 -33.44 -4.25 9.07
N VAL B 202 -34.16 -5.31 8.69
CA VAL B 202 -35.57 -5.26 8.22
C VAL B 202 -36.47 -4.71 9.31
N ASN B 203 -36.45 -5.27 10.52
CA ASN B 203 -37.29 -4.75 11.63
C ASN B 203 -37.03 -3.24 11.80
N GLU B 204 -35.76 -2.78 11.76
CA GLU B 204 -35.47 -1.31 11.91
C GLU B 204 -36.01 -0.57 10.67
N GLY B 205 -35.90 -1.16 9.49
CA GLY B 205 -36.51 -0.59 8.28
C GLY B 205 -38.01 -0.43 8.46
N LYS B 206 -38.65 -1.46 9.01
CA LYS B 206 -40.12 -1.47 9.25
C LYS B 206 -40.47 -0.28 10.15
N LEU B 207 -39.70 -0.10 11.23
CA LEU B 207 -39.96 0.98 12.20
C LEU B 207 -39.71 2.32 11.49
N MET B 208 -38.71 2.40 10.60
CA MET B 208 -38.44 3.67 9.85
C MET B 208 -39.67 4.05 9.03
N LEU B 209 -40.25 3.07 8.33
CA LEU B 209 -41.42 3.29 7.46
C LEU B 209 -42.63 3.65 8.34
N GLN B 210 -42.89 2.91 9.42
CA GLN B 210 -44.01 3.21 10.34
C GLN B 210 -43.88 4.66 10.84
N ASN B 211 -42.68 5.08 11.24
CA ASN B 211 -42.46 6.41 11.87
C ASN B 211 -42.68 7.47 10.79
N ALA B 212 -42.16 7.25 9.58
CA ALA B 212 -42.23 8.19 8.45
C ALA B 212 -43.70 8.46 8.11
N ALA B 213 -44.54 7.42 8.09
CA ALA B 213 -46.00 7.54 7.81
C ALA B 213 -46.69 8.47 8.82
N LYS B 214 -46.12 8.67 10.02
CA LYS B 214 -46.70 9.52 11.08
C LYS B 214 -46.22 10.98 10.96
N SER B 215 -45.33 11.30 10.01
CA SER B 215 -44.67 12.64 9.91
C SER B 215 -45.28 13.45 8.74
N ASP B 216 -45.46 14.77 8.94
CA ASP B 216 -45.84 15.76 7.88
C ASP B 216 -44.60 15.96 6.97
N LYS B 217 -43.40 15.63 7.46
CA LYS B 217 -42.08 15.96 6.84
C LYS B 217 -41.75 14.92 5.78
N PRO B 218 -41.19 15.34 4.61
CA PRO B 218 -40.63 14.39 3.66
C PRO B 218 -39.55 13.51 4.29
N PHE B 219 -39.51 12.26 3.86
CA PHE B 219 -38.70 11.16 4.41
C PHE B 219 -37.62 10.73 3.38
N PHE B 220 -36.40 10.60 3.87
CA PHE B 220 -35.24 10.03 3.15
C PHE B 220 -34.69 8.89 4.03
N GLY B 221 -35.05 7.65 3.68
CA GLY B 221 -34.63 6.42 4.38
C GLY B 221 -33.52 5.68 3.66
N ILE B 222 -32.50 5.23 4.40
CA ILE B 222 -31.42 4.36 3.84
C ILE B 222 -31.32 3.11 4.72
N VAL B 223 -31.54 1.93 4.12
CA VAL B 223 -31.27 0.60 4.74
C VAL B 223 -30.08 -0.02 4.00
N SER B 224 -28.91 -0.10 4.67
CA SER B 224 -27.63 -0.64 4.17
C SER B 224 -27.42 -2.03 4.78
N PHE B 225 -27.72 -3.07 4.01
CA PHE B 225 -27.68 -4.49 4.41
C PHE B 225 -26.23 -4.99 4.41
N GLU B 226 -25.87 -5.74 5.45
CA GLU B 226 -24.57 -6.44 5.52
C GLU B 226 -24.54 -7.48 4.37
N GLN B 227 -25.68 -8.10 4.05
CA GLN B 227 -25.72 -9.15 3.00
C GLN B 227 -25.70 -8.45 1.65
N PRO B 228 -25.15 -9.18 0.65
CA PRO B 228 -24.53 -10.50 0.85
C PRO B 228 -22.98 -10.61 0.95
N HIS B 229 -22.35 -9.77 1.76
CA HIS B 229 -20.88 -9.74 1.97
C HIS B 229 -20.36 -11.12 2.39
N PRO B 230 -19.27 -11.62 1.80
CA PRO B 230 -18.63 -12.84 2.28
C PRO B 230 -18.06 -12.68 3.69
N PRO B 231 -17.77 -13.78 4.42
CA PRO B 231 -18.06 -15.11 3.94
C PRO B 231 -19.59 -15.28 3.82
N TYR B 232 -20.07 -16.12 2.92
CA TYR B 232 -21.51 -16.29 2.63
C TYR B 232 -22.12 -17.12 3.76
N ARG B 233 -22.75 -16.44 4.71
CA ARG B 233 -23.26 -17.01 5.99
C ARG B 233 -24.79 -16.78 6.03
N VAL B 234 -25.54 -17.87 6.02
CA VAL B 234 -27.03 -17.85 6.05
C VAL B 234 -27.48 -19.00 6.95
N PRO B 235 -28.63 -18.88 7.66
CA PRO B 235 -29.24 -20.02 8.33
C PRO B 235 -29.92 -20.93 7.30
N GLU B 236 -30.39 -22.10 7.75
CA GLU B 236 -31.34 -22.95 6.99
C GLU B 236 -32.65 -22.17 6.92
N PRO B 237 -33.48 -22.31 5.86
CA PRO B 237 -33.20 -23.21 4.74
C PRO B 237 -32.34 -22.58 3.60
N TYR B 238 -31.96 -21.31 3.74
CA TYR B 238 -31.18 -20.55 2.72
C TYR B 238 -29.83 -21.23 2.47
N ALA B 239 -29.25 -21.82 3.51
CA ALA B 239 -27.91 -22.46 3.44
C ALA B 239 -27.89 -23.63 2.46
N SER B 240 -29.01 -24.36 2.29
CA SER B 240 -29.08 -25.57 1.43
C SER B 240 -30.13 -25.41 0.33
N MET B 241 -30.78 -24.27 0.21
CA MET B 241 -31.80 -23.99 -0.83
C MET B 241 -31.27 -24.30 -2.24
N TYR B 242 -30.07 -23.83 -2.57
CA TYR B 242 -29.40 -24.11 -3.87
C TYR B 242 -28.33 -25.18 -3.66
N ASP B 243 -28.42 -26.27 -4.43
CA ASP B 243 -27.59 -27.47 -4.23
C ASP B 243 -26.23 -27.20 -4.89
N TYR B 244 -25.17 -27.16 -4.09
CA TYR B 244 -23.79 -26.93 -4.61
C TYR B 244 -23.54 -27.80 -5.85
N LYS B 245 -24.11 -29.00 -5.91
CA LYS B 245 -23.76 -30.00 -6.95
C LYS B 245 -24.25 -29.52 -8.32
N ASP B 246 -25.29 -28.67 -8.37
CA ASP B 246 -25.95 -28.23 -9.61
C ASP B 246 -25.42 -26.86 -10.07
N ILE B 247 -24.56 -26.19 -9.32
CA ILE B 247 -24.02 -24.88 -9.73
C ILE B 247 -23.36 -25.00 -11.11
N LYS B 248 -23.69 -24.08 -12.01
CA LYS B 248 -23.05 -23.84 -13.34
C LYS B 248 -21.92 -22.83 -13.12
N LEU B 249 -20.67 -23.29 -13.24
CA LEU B 249 -19.49 -22.42 -13.13
C LEU B 249 -19.19 -21.79 -14.49
N PRO B 250 -18.89 -20.48 -14.53
CA PRO B 250 -18.65 -19.80 -15.79
C PRO B 250 -17.32 -20.20 -16.46
N LYS B 251 -17.16 -19.87 -17.75
CA LYS B 251 -15.96 -20.12 -18.58
C LYS B 251 -14.68 -19.54 -17.94
N ASN B 252 -14.71 -18.43 -17.18
CA ASN B 252 -13.47 -17.87 -16.56
C ASN B 252 -13.23 -18.45 -15.15
N PHE B 253 -14.07 -19.40 -14.71
CA PHE B 253 -13.87 -20.04 -13.38
C PHE B 253 -12.58 -20.87 -13.36
N GLY B 254 -11.78 -20.75 -12.29
CA GLY B 254 -10.72 -21.69 -11.93
C GLY B 254 -9.47 -21.59 -12.80
N ILE B 255 -9.37 -20.60 -13.67
CA ILE B 255 -8.25 -20.57 -14.67
C ILE B 255 -6.94 -20.07 -14.05
N LYS B 256 -5.83 -20.44 -14.68
CA LYS B 256 -4.50 -19.77 -14.57
C LYS B 256 -4.64 -18.42 -15.30
N ARG B 257 -4.46 -17.34 -14.55
CA ARG B 257 -4.32 -15.95 -15.04
C ARG B 257 -3.06 -15.88 -15.92
N LYS B 258 -3.24 -15.55 -17.20
CA LYS B 258 -2.17 -15.45 -18.22
C LYS B 258 -1.98 -13.98 -18.53
N HIS B 259 -0.75 -13.48 -18.38
CA HIS B 259 -0.35 -12.10 -18.76
C HIS B 259 -1.29 -11.11 -18.06
N LYS B 260 -1.57 -11.36 -16.77
CA LYS B 260 -2.36 -10.42 -15.92
C LYS B 260 -1.42 -9.65 -15.00
N PRO B 261 -1.84 -8.47 -14.49
CA PRO B 261 -0.98 -7.70 -13.60
C PRO B 261 -0.63 -8.46 -12.31
N MET B 262 0.49 -8.10 -11.67
CA MET B 262 0.93 -8.75 -10.42
C MET B 262 -0.08 -8.52 -9.28
N ALA B 263 -0.80 -7.42 -9.22
CA ALA B 263 -1.68 -7.18 -8.07
C ALA B 263 -2.74 -8.30 -8.00
N GLN B 264 -3.00 -9.05 -9.08
CA GLN B 264 -4.05 -10.10 -9.07
C GLN B 264 -3.52 -11.36 -8.37
N ASP B 265 -2.21 -11.48 -8.24
CA ASP B 265 -1.50 -12.64 -7.66
C ASP B 265 -1.35 -12.49 -6.12
N ASP B 266 -1.29 -11.28 -5.57
CA ASP B 266 -0.82 -11.07 -4.17
C ASP B 266 -1.98 -11.25 -3.18
N ILE B 267 -1.65 -11.73 -1.99
CA ILE B 267 -2.63 -12.14 -0.95
C ILE B 267 -2.90 -10.91 -0.09
N TRP B 268 -3.68 -9.96 -0.60
CA TRP B 268 -3.85 -8.65 0.06
C TRP B 268 -4.55 -8.84 1.41
N TRP B 269 -5.65 -9.58 1.38
CA TRP B 269 -6.41 -10.04 2.56
C TRP B 269 -6.17 -11.54 2.73
N PRO B 270 -6.05 -12.07 3.97
CA PRO B 270 -5.57 -13.45 4.14
C PRO B 270 -6.41 -14.49 3.40
N TRP B 271 -7.72 -14.27 3.20
CA TRP B 271 -8.62 -15.25 2.55
C TRP B 271 -8.45 -15.24 1.04
N HIS B 272 -7.65 -14.32 0.49
CA HIS B 272 -7.34 -14.26 -0.96
C HIS B 272 -6.45 -15.44 -1.35
N ASP B 273 -5.85 -16.12 -0.38
CA ASP B 273 -5.12 -17.36 -0.69
C ASP B 273 -6.17 -18.46 -0.81
N VAL B 274 -6.44 -18.87 -2.04
CA VAL B 274 -7.48 -19.87 -2.36
C VAL B 274 -6.81 -21.13 -2.92
N SER B 275 -5.50 -21.28 -2.65
CA SER B 275 -4.66 -22.41 -3.14
C SER B 275 -5.24 -23.70 -2.55
N HIS B 276 -5.87 -23.59 -1.37
CA HIS B 276 -6.52 -24.72 -0.64
C HIS B 276 -7.95 -25.03 -1.12
N MET B 277 -8.56 -24.24 -2.00
CA MET B 277 -10.00 -24.40 -2.32
C MET B 277 -10.19 -25.58 -3.29
N SER B 278 -11.12 -26.48 -3.01
CA SER B 278 -11.59 -27.54 -3.96
C SER B 278 -12.67 -26.93 -4.87
N GLU B 279 -12.97 -27.59 -5.97
CA GLU B 279 -14.09 -27.17 -6.85
C GLU B 279 -15.37 -27.14 -6.00
N THR B 280 -15.53 -28.12 -5.11
CA THR B 280 -16.71 -28.22 -4.19
C THR B 280 -16.73 -27.00 -3.27
N ASP B 281 -15.59 -26.50 -2.79
CA ASP B 281 -15.59 -25.29 -1.92
C ASP B 281 -16.14 -24.12 -2.76
N TRP B 282 -15.70 -24.00 -4.00
CA TRP B 282 -16.12 -22.89 -4.88
C TRP B 282 -17.62 -22.98 -5.17
N ARG B 283 -18.13 -24.18 -5.42
CA ARG B 283 -19.57 -24.40 -5.70
C ARG B 283 -20.39 -23.98 -4.48
N LYS B 284 -19.90 -24.33 -3.29
CA LYS B 284 -20.55 -24.00 -2.01
C LYS B 284 -20.51 -22.48 -1.83
N ALA B 285 -19.41 -21.82 -2.18
CA ALA B 285 -19.36 -20.35 -2.14
C ALA B 285 -20.51 -19.83 -2.98
N HIS B 286 -20.71 -20.37 -4.19
CA HIS B 286 -21.83 -19.96 -5.08
C HIS B 286 -23.15 -20.24 -4.37
N SER B 287 -23.31 -21.45 -3.87
CA SER B 287 -24.63 -21.94 -3.43
C SER B 287 -25.06 -21.17 -2.18
N PHE B 288 -24.12 -20.84 -1.29
CA PHE B 288 -24.36 -20.04 -0.06
C PHE B 288 -24.61 -18.60 -0.49
N TYR B 289 -23.85 -18.08 -1.45
CA TYR B 289 -24.14 -16.74 -2.00
C TYR B 289 -25.60 -16.73 -2.49
N TYR B 290 -26.00 -17.76 -3.26
CA TYR B 290 -27.33 -17.78 -3.89
C TYR B 290 -28.36 -17.76 -2.76
N GLY B 291 -28.06 -18.49 -1.68
CA GLY B 291 -28.90 -18.52 -0.48
C GLY B 291 -29.06 -17.13 0.11
N ALA B 292 -27.99 -16.35 0.12
CA ALA B 292 -28.02 -14.99 0.72
C ALA B 292 -28.92 -14.11 -0.14
N ILE B 293 -28.82 -14.26 -1.45
CA ILE B 293 -29.65 -13.48 -2.39
C ILE B 293 -31.11 -13.87 -2.18
N ALA B 294 -31.45 -15.15 -2.04
CA ALA B 294 -32.85 -15.55 -1.76
C ALA B 294 -33.28 -14.94 -0.43
N MET B 295 -32.40 -14.92 0.57
CA MET B 295 -32.78 -14.32 1.87
C MET B 295 -32.91 -12.78 1.71
N ILE B 296 -32.11 -12.15 0.87
CA ILE B 296 -32.27 -10.70 0.57
C ILE B 296 -33.62 -10.46 -0.10
N ASP B 297 -34.03 -11.34 -1.02
CA ASP B 297 -35.31 -11.13 -1.74
C ASP B 297 -36.44 -11.12 -0.71
N HIS B 298 -36.42 -12.06 0.25
CA HIS B 298 -37.46 -12.10 1.31
C HIS B 298 -37.45 -10.75 2.02
N ALA B 299 -36.27 -10.28 2.43
CA ALA B 299 -36.10 -9.02 3.18
C ALA B 299 -36.70 -7.87 2.38
N VAL B 300 -36.40 -7.77 1.09
CA VAL B 300 -36.92 -6.67 0.24
C VAL B 300 -38.45 -6.73 0.25
N GLY B 301 -39.01 -7.92 0.07
CA GLY B 301 -40.47 -8.10 0.10
C GLY B 301 -41.05 -7.61 1.40
N GLU B 302 -40.38 -7.89 2.52
CA GLU B 302 -40.88 -7.48 3.86
C GLU B 302 -41.05 -5.97 3.91
N LEU B 303 -40.03 -5.24 3.43
CA LEU B 303 -39.99 -3.76 3.52
C LEU B 303 -40.97 -3.16 2.53
N ILE B 304 -41.05 -3.71 1.33
CA ILE B 304 -42.00 -3.21 0.30
C ILE B 304 -43.43 -3.43 0.86
N ASN B 305 -43.73 -4.60 1.43
CA ASN B 305 -45.08 -4.87 1.98
C ASN B 305 -45.41 -3.85 3.10
N THR B 306 -44.49 -3.60 4.05
CA THR B 306 -44.67 -2.59 5.11
C THR B 306 -44.97 -1.22 4.48
N ALA B 307 -44.20 -0.83 3.48
CA ALA B 307 -44.42 0.46 2.78
C ALA B 307 -45.83 0.52 2.15
N LYS B 308 -46.34 -0.58 1.58
CA LYS B 308 -47.74 -0.68 1.05
C LYS B 308 -48.75 -0.58 2.20
N GLU B 309 -48.55 -1.32 3.29
CA GLU B 309 -49.49 -1.28 4.46
C GLU B 309 -49.53 0.16 5.02
N GLU B 310 -48.42 0.91 4.97
CA GLU B 310 -48.33 2.26 5.59
C GLU B 310 -48.81 3.34 4.60
N GLY B 311 -49.27 2.99 3.39
CA GLY B 311 -49.73 3.96 2.37
C GLY B 311 -48.60 4.87 1.91
N LEU B 312 -47.34 4.39 1.95
CA LEU B 312 -46.13 5.12 1.46
C LEU B 312 -45.71 4.65 0.06
N TYR B 313 -46.03 3.42 -0.33
CA TYR B 313 -45.46 2.77 -1.52
C TYR B 313 -45.85 3.56 -2.77
N ASP B 314 -47.12 3.93 -2.93
CA ASP B 314 -47.58 4.50 -4.24
C ASP B 314 -46.77 5.74 -4.63
N ASP B 315 -46.25 6.53 -3.68
CA ASP B 315 -45.51 7.79 -4.00
C ASP B 315 -44.01 7.62 -3.70
N LEU B 316 -43.59 6.43 -3.27
CA LEU B 316 -42.18 6.18 -2.86
C LEU B 316 -41.23 6.15 -4.08
N HIS B 317 -40.19 6.97 -4.01
CA HIS B 317 -39.06 7.03 -4.97
C HIS B 317 -37.95 6.10 -4.44
N ILE B 318 -37.66 4.99 -5.11
CA ILE B 318 -36.77 3.91 -4.57
C ILE B 318 -35.53 3.71 -5.44
N ILE B 319 -34.39 3.49 -4.79
CA ILE B 319 -33.11 3.03 -5.41
C ILE B 319 -32.74 1.73 -4.71
N LEU B 320 -32.57 0.69 -5.51
CA LEU B 320 -31.96 -0.58 -5.07
C LEU B 320 -30.62 -0.67 -5.80
N VAL B 321 -29.54 -0.86 -5.06
CA VAL B 321 -28.18 -0.89 -5.63
C VAL B 321 -27.28 -1.74 -4.71
N GLY B 322 -26.28 -2.39 -5.30
CA GLY B 322 -25.14 -2.98 -4.60
C GLY B 322 -23.91 -2.11 -4.79
N ASP B 323 -23.07 -1.98 -3.76
CA ASP B 323 -21.94 -1.03 -3.77
C ASP B 323 -20.91 -1.55 -4.77
N GLN B 324 -20.82 -2.89 -4.95
CA GLN B 324 -20.02 -3.54 -6.00
C GLN B 324 -20.40 -5.00 -6.05
N GLY B 325 -19.85 -5.73 -7.00
CA GLY B 325 -19.96 -7.19 -7.11
C GLY B 325 -19.03 -7.95 -6.15
N SER B 326 -18.67 -9.16 -6.53
CA SER B 326 -17.91 -10.12 -5.68
C SER B 326 -17.45 -11.26 -6.60
N MET B 327 -16.21 -11.68 -6.40
CA MET B 327 -15.58 -12.74 -7.20
C MET B 327 -15.88 -14.09 -6.54
N LEU B 328 -16.42 -15.01 -7.34
CA LEU B 328 -16.71 -16.42 -6.94
C LEU B 328 -15.82 -17.39 -7.73
N GLY B 329 -14.59 -16.99 -7.99
CA GLY B 329 -13.54 -17.87 -8.54
C GLY B 329 -13.24 -17.60 -10.00
N GLU B 330 -13.87 -16.57 -10.55
CA GLU B 330 -13.51 -16.09 -11.90
C GLU B 330 -12.05 -15.65 -11.80
N HIS B 331 -11.21 -16.09 -12.74
CA HIS B 331 -9.75 -15.81 -12.75
C HIS B 331 -9.14 -16.35 -11.46
N ASN B 332 -9.76 -17.36 -10.85
CA ASN B 332 -9.30 -17.93 -9.56
C ASN B 332 -9.21 -16.85 -8.47
N LEU B 333 -10.12 -15.87 -8.48
CA LEU B 333 -10.19 -14.82 -7.42
C LEU B 333 -11.42 -15.00 -6.56
N TYR B 334 -11.31 -14.61 -5.29
CA TYR B 334 -12.41 -14.65 -4.30
C TYR B 334 -12.62 -13.24 -3.75
N ASP B 335 -13.86 -12.89 -3.38
CA ASP B 335 -14.18 -11.60 -2.72
C ASP B 335 -13.96 -10.47 -3.73
N LYS B 336 -12.91 -9.67 -3.49
CA LYS B 336 -12.59 -8.47 -4.28
C LYS B 336 -11.14 -8.08 -4.02
N GLY B 337 -10.59 -7.26 -4.91
CA GLY B 337 -9.21 -6.79 -4.84
C GLY B 337 -8.94 -5.72 -5.87
N PRO B 338 -7.70 -5.21 -6.00
CA PRO B 338 -7.44 -4.15 -6.94
C PRO B 338 -7.34 -4.68 -8.38
N TYR B 339 -8.51 -4.75 -9.02
CA TYR B 339 -8.73 -5.18 -10.43
C TYR B 339 -10.05 -4.58 -10.93
N ALA B 340 -10.44 -4.90 -12.17
CA ALA B 340 -11.59 -4.18 -12.80
C ALA B 340 -12.53 -5.15 -13.51
N TYR B 341 -12.42 -6.46 -13.25
CA TYR B 341 -13.22 -7.49 -13.94
C TYR B 341 -14.71 -7.19 -13.74
N ASP B 342 -15.54 -7.54 -14.72
CA ASP B 342 -16.99 -7.20 -14.76
C ASP B 342 -17.70 -7.71 -13.52
N GLU B 343 -17.33 -8.88 -12.99
CA GLU B 343 -18.09 -9.55 -11.89
C GLU B 343 -17.99 -8.66 -10.65
N LEU B 344 -16.92 -7.87 -10.52
CA LEU B 344 -16.75 -6.89 -9.40
C LEU B 344 -17.24 -5.49 -9.84
N MET B 345 -16.83 -5.02 -11.02
CA MET B 345 -17.10 -3.63 -11.48
C MET B 345 -18.62 -3.43 -11.72
N ARG B 346 -19.33 -4.43 -12.23
CA ARG B 346 -20.78 -4.24 -12.55
C ARG B 346 -21.58 -4.28 -11.24
N MET B 347 -22.63 -3.47 -11.17
CA MET B 347 -23.51 -3.46 -9.98
C MET B 347 -24.96 -3.52 -10.40
N PRO B 348 -25.81 -4.13 -9.57
CA PRO B 348 -27.24 -4.14 -9.82
C PRO B 348 -27.74 -2.73 -9.50
N LEU B 349 -28.62 -2.17 -10.33
CA LEU B 349 -29.27 -0.88 -10.01
C LEU B 349 -30.70 -0.84 -10.56
N ILE B 350 -31.62 -0.47 -9.68
CA ILE B 350 -33.04 -0.24 -10.04
C ILE B 350 -33.36 1.10 -9.40
N ILE B 351 -33.92 2.01 -10.19
CA ILE B 351 -34.46 3.30 -9.71
C ILE B 351 -35.93 3.37 -10.12
N ARG B 352 -36.80 3.41 -9.12
CA ARG B 352 -38.27 3.43 -9.34
C ARG B 352 -38.79 4.83 -9.02
N ASP B 353 -39.22 5.51 -10.07
CA ASP B 353 -39.97 6.78 -10.01
C ASP B 353 -41.43 6.42 -10.31
N PRO B 354 -42.35 6.65 -9.35
CA PRO B 354 -43.74 6.27 -9.52
C PRO B 354 -44.47 7.06 -10.62
N SER B 355 -43.93 8.21 -11.04
CA SER B 355 -44.55 9.03 -12.10
C SER B 355 -44.20 8.49 -13.49
N LEU B 356 -43.31 7.51 -13.63
CA LEU B 356 -42.75 7.14 -14.96
C LEU B 356 -43.08 5.70 -15.34
N GLU B 357 -43.13 5.42 -16.65
CA GLU B 357 -43.33 4.05 -17.19
C GLU B 357 -42.03 3.26 -17.00
N PRO B 358 -42.10 1.94 -16.73
CA PRO B 358 -40.90 1.13 -16.63
C PRO B 358 -40.08 1.15 -17.92
N LYS B 359 -38.76 1.12 -17.78
CA LYS B 359 -37.86 1.03 -18.94
C LYS B 359 -36.64 0.24 -18.53
N ILE B 360 -36.01 -0.39 -19.52
CA ILE B 360 -34.67 -1.02 -19.44
C ILE B 360 -33.66 -0.11 -20.11
N ILE B 361 -32.69 0.36 -19.32
CA ILE B 361 -31.53 1.16 -19.80
C ILE B 361 -30.34 0.23 -20.00
N ASN B 362 -29.84 0.12 -21.24
CA ASN B 362 -28.62 -0.65 -21.57
C ASN B 362 -27.43 0.30 -21.71
N ARG B 363 -27.65 1.61 -21.65
CA ARG B 363 -26.52 2.57 -21.66
C ARG B 363 -25.79 2.41 -20.32
N GLN B 364 -24.47 2.52 -20.32
CA GLN B 364 -23.65 2.43 -19.09
C GLN B 364 -23.99 3.63 -18.20
N VAL B 365 -24.18 3.38 -16.91
CA VAL B 365 -24.31 4.44 -15.87
C VAL B 365 -23.34 4.09 -14.75
N SER B 366 -23.04 5.07 -13.89
CA SER B 366 -22.01 5.01 -12.82
C SER B 366 -22.61 5.24 -11.43
N MET B 367 -21.95 4.73 -10.41
CA MET B 367 -22.23 5.10 -9.01
C MET B 367 -22.19 6.61 -8.86
N LEU B 368 -21.43 7.30 -9.69
CA LEU B 368 -21.32 8.78 -9.56
C LEU B 368 -22.63 9.44 -9.97
N ASP B 369 -23.59 8.67 -10.50
CA ASP B 369 -24.86 9.20 -11.07
C ASP B 369 -25.96 9.15 -10.01
N ILE B 370 -25.70 8.53 -8.85
CA ILE B 370 -26.75 8.37 -7.82
C ILE B 370 -27.06 9.72 -7.22
N ALA B 371 -26.05 10.43 -6.72
CA ALA B 371 -26.25 11.70 -5.99
C ALA B 371 -26.99 12.72 -6.87
N PRO B 372 -26.58 12.95 -8.12
CA PRO B 372 -27.30 13.86 -9.03
C PRO B 372 -28.76 13.46 -9.24
N THR B 373 -29.04 12.16 -9.32
CA THR B 373 -30.42 11.62 -9.39
C THR B 373 -31.15 12.00 -8.11
N LEU B 374 -30.51 11.84 -6.94
CA LEU B 374 -31.11 12.27 -5.65
C LEU B 374 -31.31 13.79 -5.68
N ARG B 375 -30.33 14.53 -6.21
CA ARG B 375 -30.38 16.00 -6.27
C ARG B 375 -31.59 16.43 -7.11
N GLN B 376 -31.86 15.79 -8.26
CA GLN B 376 -32.98 16.22 -9.14
C GLN B 376 -34.31 15.83 -8.47
N TRP B 377 -34.41 14.65 -7.86
CA TRP B 377 -35.67 14.21 -7.18
C TRP B 377 -36.03 15.19 -6.04
N MET B 378 -35.05 15.54 -5.22
CA MET B 378 -35.26 16.14 -3.88
C MET B 378 -35.00 17.65 -3.89
N THR B 379 -34.54 18.22 -4.99
CA THR B 379 -34.07 19.61 -5.14
C THR B 379 -33.01 19.92 -4.07
N LEU B 380 -31.99 19.07 -3.91
CA LEU B 380 -30.89 19.30 -2.92
C LEU B 380 -30.07 20.48 -3.40
N PRO B 381 -29.56 21.32 -2.48
CA PRO B 381 -28.72 22.45 -2.89
C PRO B 381 -27.35 21.91 -3.37
N LEU B 382 -26.68 22.59 -4.31
CA LEU B 382 -25.28 22.28 -4.74
C LEU B 382 -24.38 22.43 -3.50
N ASP B 383 -23.44 21.50 -3.30
CA ASP B 383 -22.34 21.51 -2.28
C ASP B 383 -21.03 21.33 -3.02
N GLY B 384 -20.96 21.72 -4.29
CA GLY B 384 -19.76 21.63 -5.15
C GLY B 384 -20.02 20.78 -6.37
N ASP B 385 -18.98 20.18 -6.96
CA ASP B 385 -19.07 19.47 -8.26
C ASP B 385 -19.98 18.24 -8.13
N GLU B 386 -20.57 17.89 -9.27
CA GLU B 386 -21.18 16.58 -9.57
C GLU B 386 -20.29 15.96 -10.64
N ASP B 387 -19.57 14.91 -10.33
CA ASP B 387 -18.74 14.24 -11.34
C ASP B 387 -19.59 13.30 -12.21
N GLY B 388 -20.84 13.05 -11.85
CA GLY B 388 -21.73 12.25 -12.70
C GLY B 388 -22.80 13.11 -13.32
N ARG B 389 -23.88 12.45 -13.75
CA ARG B 389 -25.08 13.07 -14.36
C ARG B 389 -26.33 12.41 -13.74
N SER B 390 -27.41 13.17 -13.71
CA SER B 390 -28.76 12.72 -13.28
C SER B 390 -29.26 11.66 -14.26
N LEU B 391 -29.90 10.61 -13.75
CA LEU B 391 -30.46 9.50 -14.55
C LEU B 391 -31.92 9.77 -14.87
N LEU B 392 -32.50 10.91 -14.46
CA LEU B 392 -33.91 11.21 -14.82
C LEU B 392 -34.12 11.21 -16.33
N PRO B 393 -33.32 11.89 -17.16
CA PRO B 393 -33.58 11.86 -18.60
C PRO B 393 -33.66 10.43 -19.14
N LEU B 394 -32.71 9.56 -18.79
CA LEU B 394 -32.72 8.15 -19.25
C LEU B 394 -33.96 7.44 -18.71
N MET B 395 -34.40 7.73 -17.50
CA MET B 395 -35.57 7.04 -16.89
C MET B 395 -36.84 7.44 -17.65
N LYS B 396 -36.96 8.70 -18.06
CA LYS B 396 -38.12 9.22 -18.85
C LYS B 396 -38.05 8.72 -20.31
N GLN B 397 -36.89 8.85 -20.97
CA GLN B 397 -36.77 8.74 -22.46
C GLN B 397 -36.22 7.37 -22.89
N GLY B 398 -35.55 6.61 -22.01
CA GLY B 398 -34.85 5.37 -22.40
C GLY B 398 -33.47 5.70 -22.97
N ASP B 399 -32.77 4.69 -23.48
CA ASP B 399 -31.36 4.79 -23.96
C ASP B 399 -31.17 6.01 -24.87
N SER B 400 -32.19 6.36 -25.66
CA SER B 400 -32.07 7.34 -26.77
C SER B 400 -31.86 8.75 -26.22
N ALA B 401 -32.08 8.99 -24.93
CA ALA B 401 -31.64 10.22 -24.23
C ALA B 401 -30.18 10.55 -24.57
N ASP B 402 -29.32 9.54 -24.70
CA ASP B 402 -27.85 9.74 -24.84
C ASP B 402 -27.42 9.53 -26.28
N ALA B 403 -28.30 9.50 -27.29
CA ALA B 403 -27.92 9.23 -28.70
C ALA B 403 -26.87 10.25 -29.18
N GLY B 404 -25.82 9.78 -29.83
CA GLY B 404 -24.71 10.64 -30.30
C GLY B 404 -23.62 10.89 -29.27
N LYS B 405 -23.71 10.28 -28.09
CA LYS B 405 -22.70 10.35 -27.01
C LYS B 405 -21.98 9.01 -26.92
N ASP B 406 -20.68 9.02 -26.65
CA ASP B 406 -19.90 7.79 -26.40
C ASP B 406 -20.55 7.08 -25.21
N ASP B 407 -20.65 5.75 -25.27
CA ASP B 407 -21.16 4.91 -24.17
C ASP B 407 -19.94 4.39 -23.40
N ILE B 408 -19.57 5.07 -22.31
CA ILE B 408 -18.37 4.76 -21.48
C ILE B 408 -18.75 4.69 -20.01
N SER B 409 -17.98 3.92 -19.24
CA SER B 409 -17.93 4.00 -17.76
C SER B 409 -16.48 4.20 -17.37
N LEU B 410 -16.25 4.88 -16.25
CA LEU B 410 -14.91 5.13 -15.69
C LEU B 410 -14.88 4.47 -14.30
N TYR B 411 -13.83 3.71 -14.04
CA TYR B 411 -13.66 2.97 -12.77
C TYR B 411 -12.27 3.29 -12.23
N ALA B 412 -12.21 3.47 -10.92
CA ALA B 412 -10.92 3.73 -10.24
C ALA B 412 -10.72 2.62 -9.20
N TYR B 413 -9.46 2.30 -8.96
CA TYR B 413 -9.07 1.49 -7.80
C TYR B 413 -7.78 2.11 -7.26
N GLU B 414 -7.93 3.26 -6.59
CA GLU B 414 -6.75 4.06 -6.12
C GLU B 414 -5.97 3.23 -5.10
N TRP B 415 -6.70 2.63 -4.14
CA TRP B 415 -6.15 1.89 -2.98
C TRP B 415 -6.93 0.58 -2.75
N TYR B 416 -6.23 -0.43 -2.24
CA TYR B 416 -6.86 -1.57 -1.55
C TYR B 416 -6.25 -1.70 -0.15
N ASN B 417 -7.00 -1.23 0.86
CA ASN B 417 -6.69 -1.43 2.28
C ASN B 417 -5.19 -1.10 2.52
N GLY B 418 -4.74 0.08 2.10
CA GLY B 418 -3.35 0.54 2.34
C GLY B 418 -2.33 0.20 1.24
N GLY B 419 -2.67 -0.66 0.28
CA GLY B 419 -1.90 -0.80 -0.96
C GLY B 419 -2.36 0.26 -1.93
N TRP B 420 -1.42 1.04 -2.48
CA TRP B 420 -1.73 2.03 -3.54
C TRP B 420 -1.57 1.37 -4.91
N PHE B 421 -2.55 1.53 -5.82
CA PHE B 421 -2.49 0.97 -7.20
C PHE B 421 -2.79 2.05 -8.25
N GLY B 422 -3.52 3.11 -7.90
CA GLY B 422 -3.85 4.20 -8.85
C GLY B 422 -4.59 3.71 -10.09
N ILE B 423 -5.26 2.56 -10.00
CA ILE B 423 -5.85 1.92 -11.20
C ILE B 423 -6.99 2.76 -11.78
N ARG B 424 -7.07 2.83 -13.11
CA ARG B 424 -8.18 3.44 -13.86
C ARG B 424 -8.56 2.52 -15.02
N ALA B 425 -9.86 2.28 -15.20
CA ALA B 425 -10.40 1.51 -16.35
C ALA B 425 -11.45 2.35 -17.06
N ILE B 426 -11.50 2.19 -18.37
CA ILE B 426 -12.49 2.82 -19.27
C ILE B 426 -13.15 1.65 -19.99
N ARG B 427 -14.48 1.57 -19.93
CA ARG B 427 -15.24 0.43 -20.48
C ARG B 427 -16.26 1.01 -21.47
N THR B 428 -16.20 0.49 -22.69
CA THR B 428 -17.23 0.65 -23.75
C THR B 428 -18.01 -0.64 -23.77
N PRO B 429 -19.12 -0.75 -24.52
CA PRO B 429 -19.86 -1.99 -24.62
C PRO B 429 -19.00 -3.12 -25.20
N GLU B 430 -17.93 -2.79 -25.93
CA GLU B 430 -17.15 -3.77 -26.73
C GLU B 430 -15.73 -3.97 -26.17
N MET B 431 -15.20 -3.01 -25.41
CA MET B 431 -13.77 -2.98 -25.02
C MET B 431 -13.60 -2.52 -23.57
N LYS B 432 -12.54 -2.99 -22.90
CA LYS B 432 -12.08 -2.42 -21.62
C LYS B 432 -10.56 -2.25 -21.65
N PHE B 433 -10.11 -1.03 -21.31
CA PHE B 433 -8.70 -0.66 -21.08
C PHE B 433 -8.56 -0.40 -19.58
N VAL B 434 -7.61 -1.10 -18.96
CA VAL B 434 -7.24 -0.87 -17.54
C VAL B 434 -5.80 -0.40 -17.51
N TRP B 435 -5.59 0.81 -16.95
CA TRP B 435 -4.28 1.40 -16.61
C TRP B 435 -3.86 1.00 -15.18
N ASN B 436 -2.70 0.34 -15.05
CA ASN B 436 -2.11 -0.17 -13.77
C ASN B 436 -0.79 0.56 -13.52
N PRO B 437 -0.81 1.85 -13.10
CA PRO B 437 0.40 2.68 -13.08
C PRO B 437 1.44 2.25 -12.04
N GLY B 438 1.06 1.29 -11.18
CA GLY B 438 1.94 0.66 -10.17
C GLY B 438 2.55 -0.62 -10.69
N ASP B 439 2.37 -0.88 -12.00
CA ASP B 439 2.83 -2.11 -12.71
C ASP B 439 3.36 -1.64 -14.07
N SER B 440 4.06 -2.51 -14.78
CA SER B 440 4.48 -2.30 -16.19
C SER B 440 3.37 -2.85 -17.09
N ARG B 441 2.42 -3.59 -16.53
CA ARG B 441 1.45 -4.39 -17.33
C ARG B 441 0.04 -3.80 -17.22
N ASP B 442 -0.49 -3.26 -18.32
CA ASP B 442 -1.89 -2.79 -18.43
C ASP B 442 -2.73 -3.97 -18.91
N GLU B 443 -4.04 -3.81 -18.93
CA GLU B 443 -4.98 -4.82 -19.47
C GLU B 443 -5.78 -4.21 -20.61
N LEU B 444 -6.07 -5.01 -21.62
CA LEU B 444 -6.98 -4.65 -22.73
C LEU B 444 -7.83 -5.87 -23.06
N TYR B 445 -9.14 -5.77 -22.87
CA TYR B 445 -10.11 -6.87 -23.08
C TYR B 445 -11.07 -6.49 -24.19
N ASP B 446 -11.27 -7.46 -25.09
CA ASP B 446 -12.33 -7.44 -26.14
C ASP B 446 -13.58 -8.08 -25.52
N LEU B 447 -14.54 -7.25 -25.12
CA LEU B 447 -15.70 -7.75 -24.33
C LEU B 447 -16.70 -8.36 -25.30
N LYS B 448 -16.60 -8.05 -26.59
CA LYS B 448 -17.53 -8.64 -27.61
C LYS B 448 -17.11 -10.09 -27.87
N ASN B 449 -15.81 -10.37 -28.05
CA ASN B 449 -15.30 -11.74 -28.41
C ASN B 449 -14.80 -12.52 -27.18
N ASP B 450 -14.63 -11.84 -26.04
CA ASP B 450 -13.99 -12.39 -24.81
C ASP B 450 -14.66 -11.73 -23.61
N PRO B 451 -16.00 -11.85 -23.41
CA PRO B 451 -16.67 -11.16 -22.32
C PRO B 451 -16.26 -11.72 -20.95
N TYR B 452 -15.58 -12.87 -20.88
CA TYR B 452 -15.03 -13.44 -19.61
C TYR B 452 -13.65 -12.84 -19.28
N GLU B 453 -13.16 -11.94 -20.14
CA GLU B 453 -11.90 -11.16 -19.91
C GLU B 453 -10.73 -12.15 -19.61
N ILE B 454 -10.63 -13.25 -20.36
CA ILE B 454 -9.56 -14.27 -20.17
C ILE B 454 -8.25 -13.80 -20.82
N THR B 455 -8.32 -13.12 -21.97
CA THR B 455 -7.13 -12.82 -22.79
C THR B 455 -6.79 -11.34 -22.75
N ASN B 456 -5.61 -11.03 -22.21
CA ASN B 456 -5.05 -9.65 -22.15
C ASN B 456 -4.43 -9.38 -23.51
N GLN B 457 -5.01 -8.46 -24.25
CA GLN B 457 -4.61 -8.17 -25.64
C GLN B 457 -3.75 -6.91 -25.64
N ILE B 458 -3.21 -6.46 -24.49
CA ILE B 458 -2.48 -5.16 -24.38
C ILE B 458 -1.36 -5.10 -25.42
N ASP B 459 -0.63 -6.21 -25.65
CA ASP B 459 0.57 -6.25 -26.52
C ASP B 459 0.20 -6.72 -27.93
N ASN B 460 -1.10 -6.89 -28.19
CA ASN B 460 -1.58 -7.48 -29.48
C ASN B 460 -1.72 -6.35 -30.49
N PRO B 461 -0.80 -6.28 -31.48
CA PRO B 461 -0.83 -5.19 -32.46
C PRO B 461 -2.15 -5.11 -33.23
N LYS B 462 -2.88 -6.21 -33.38
CA LYS B 462 -4.21 -6.23 -34.05
C LYS B 462 -5.19 -5.33 -33.27
N TYR B 463 -4.87 -4.93 -32.03
CA TYR B 463 -5.78 -4.11 -31.17
C TYR B 463 -5.23 -2.69 -30.94
N LYS B 464 -4.19 -2.27 -31.68
CA LYS B 464 -3.56 -0.91 -31.61
C LYS B 464 -4.64 0.18 -31.78
N LYS B 465 -5.52 0.09 -32.80
CA LYS B 465 -6.54 1.12 -33.09
C LYS B 465 -7.44 1.28 -31.84
N GLN B 466 -7.91 0.17 -31.27
CA GLN B 466 -8.87 0.19 -30.11
C GLN B 466 -8.15 0.73 -28.87
N LEU B 467 -6.93 0.27 -28.61
CA LEU B 467 -6.09 0.80 -27.51
C LEU B 467 -6.01 2.33 -27.63
N THR B 468 -5.63 2.84 -28.82
CA THR B 468 -5.39 4.27 -29.11
C THR B 468 -6.67 5.05 -28.74
N ASP B 469 -7.82 4.58 -29.23
CA ASP B 469 -9.14 5.22 -28.97
C ASP B 469 -9.36 5.23 -27.45
N LEU B 470 -9.12 4.11 -26.75
CA LEU B 470 -9.45 3.99 -25.31
C LEU B 470 -8.49 4.83 -24.46
N VAL B 471 -7.22 4.91 -24.85
CA VAL B 471 -6.22 5.81 -24.17
C VAL B 471 -6.73 7.25 -24.27
N HIS B 472 -7.19 7.70 -25.43
CA HIS B 472 -7.69 9.10 -25.65
C HIS B 472 -8.97 9.29 -24.84
N LYS B 473 -9.89 8.34 -24.87
CA LYS B 473 -11.12 8.46 -24.04
C LYS B 473 -10.72 8.57 -22.55
N MET B 474 -9.73 7.79 -22.11
CA MET B 474 -9.32 7.83 -20.68
C MET B 474 -8.73 9.21 -20.36
N ALA B 475 -7.82 9.72 -21.21
CA ALA B 475 -7.19 11.05 -21.03
C ALA B 475 -8.30 12.10 -20.86
N GLY B 476 -9.34 12.04 -21.72
CA GLY B 476 -10.51 12.94 -21.66
C GLY B 476 -11.26 12.81 -20.34
N GLU B 477 -11.48 11.58 -19.87
CA GLU B 477 -12.18 11.37 -18.57
C GLU B 477 -11.32 11.90 -17.42
N LEU B 478 -10.01 11.64 -17.42
CA LEU B 478 -9.14 12.12 -16.30
C LEU B 478 -9.14 13.64 -16.32
N ASN B 479 -9.10 14.25 -17.50
CA ASN B 479 -9.10 15.72 -17.61
C ASN B 479 -10.46 16.22 -17.08
N ARG B 480 -11.56 15.64 -17.56
CA ARG B 480 -12.93 16.08 -17.15
C ARG B 480 -13.04 16.14 -15.61
N ILE B 481 -12.57 15.14 -14.88
CA ILE B 481 -12.77 15.09 -13.39
C ILE B 481 -11.58 15.74 -12.66
N ASP B 482 -10.62 16.32 -13.37
CA ASP B 482 -9.42 17.01 -12.78
C ASP B 482 -8.60 16.03 -11.93
N ASP B 483 -8.46 14.79 -12.39
CA ASP B 483 -7.65 13.75 -11.70
C ASP B 483 -6.18 14.17 -11.80
N PRO B 484 -5.48 14.38 -10.68
CA PRO B 484 -4.05 14.74 -10.76
C PRO B 484 -3.14 13.63 -11.36
N SER B 485 -3.61 12.40 -11.56
CA SER B 485 -2.79 11.29 -12.13
C SER B 485 -2.64 11.47 -13.65
N LEU B 486 -3.29 12.49 -14.23
CA LEU B 486 -3.24 12.75 -15.69
C LEU B 486 -1.80 13.00 -16.14
N THR B 487 -0.99 13.66 -15.32
CA THR B 487 0.45 13.93 -15.66
C THR B 487 1.15 12.58 -15.89
N LYS B 488 1.02 11.66 -14.93
CA LYS B 488 1.69 10.32 -15.02
C LYS B 488 1.10 9.58 -16.22
N PHE B 489 -0.21 9.70 -16.42
CA PHE B 489 -0.89 9.05 -17.56
C PHE B 489 -0.24 9.50 -18.88
N ASN B 490 -0.02 10.79 -19.05
CA ASN B 490 0.59 11.39 -20.28
C ASN B 490 2.01 10.83 -20.44
N HIS B 491 2.78 10.66 -19.35
CA HIS B 491 4.11 9.99 -19.42
C HIS B 491 3.93 8.52 -19.83
N HIS B 492 3.16 7.72 -19.08
CA HIS B 492 2.97 6.28 -19.40
C HIS B 492 2.45 6.09 -20.83
N MET B 493 1.52 6.93 -21.30
CA MET B 493 0.88 6.76 -22.64
C MET B 493 1.51 7.67 -23.72
N LYS B 494 2.76 8.12 -23.58
CA LYS B 494 3.31 9.20 -24.46
C LYS B 494 3.44 8.72 -25.91
N ALA B 495 3.47 7.41 -26.17
CA ALA B 495 3.50 6.82 -27.52
C ALA B 495 2.19 7.12 -28.29
N PHE B 496 1.19 7.73 -27.64
CA PHE B 496 -0.15 8.06 -28.21
C PHE B 496 -0.41 9.61 -28.20
N LEU B 497 0.04 10.39 -27.20
CA LEU B 497 0.02 11.89 -27.23
#